data_9D8E
#
_entry.id   9D8E
#
_cell.length_a   52.684
_cell.length_b   70.753
_cell.length_c   158.560
_cell.angle_alpha   90.00
_cell.angle_beta   90.00
_cell.angle_gamma   90.00
#
_symmetry.space_group_name_H-M   'P 21 21 21'
#
loop_
_entity.id
_entity.type
_entity.pdbx_description
1 polymer 'Activin receptor type-1'
2 non-polymer GLYCEROL
3 non-polymer 1-cyclobutyl-N-[3-(dimethylamino)propyl]-2-(3,4,5-trimethoxyphenyl)-1H-1,3-benzimidazole-6-carboxamide
4 non-polymer 'PHOSPHATE ION'
5 water water
#
_entity_poly.entity_id   1
_entity_poly.type   'polypeptide(L)'
_entity_poly.pdbx_seq_one_letter_code
;SMTTNVGDSTLADLLDHSCTSGSGSGLPFLVQRTVARQITLLECVGKGRYGEVWRGSWQGENVAVKIFSSRDEKSWFRET
ELYNTVMLRHENILGFIASDMTSRHSSTQLWLITHYHEMGSLYDYLQLTTLDTVSCLRIVLSIASGLAHLHIEIFGTQGK
PAIAHRDLKSKNILVKKNGQCCIADLGLAVMHSQSTNQLDVGNNPRVGTKRYMAPEVLDETIQVDCFDSYKRVDIWAFGL
VLWEVARRMVSNGIVEDYKPPFYDVVPNDPSFEDMRKVVCVDQQRPNIPNRWFSDPTLTSLAKLMKECWYQNPSARLTAL
RIKKTLTKID
;
_entity_poly.pdbx_strand_id   A,B
#
loop_
_chem_comp.id
_chem_comp.type
_chem_comp.name
_chem_comp.formula
A1A29 non-polymer 1-cyclobutyl-N-[3-(dimethylamino)propyl]-2-(3,4,5-trimethoxyphenyl)-1H-1,3-benzimidazole-6-carboxamide 'C26 H34 N4 O4'
GOL non-polymer GLYCEROL 'C3 H8 O3'
PO4 non-polymer 'PHOSPHATE ION' 'O4 P -3'
#
# COMPACT_ATOMS: atom_id res chain seq x y z
N GLY A 24 25.77 15.79 29.84
CA GLY A 24 24.83 15.97 28.73
C GLY A 24 23.54 15.21 28.92
N SER A 25 22.98 14.72 27.82
CA SER A 25 21.65 14.11 27.84
C SER A 25 21.63 12.68 28.35
N GLY A 26 22.74 11.96 28.25
CA GLY A 26 22.72 10.55 28.59
C GLY A 26 23.55 10.20 29.81
N LEU A 27 24.17 9.03 29.77
CA LEU A 27 25.07 8.62 30.83
C LEU A 27 26.37 9.42 30.76
N PRO A 28 27.11 9.48 31.88
CA PRO A 28 28.47 10.04 31.83
C PRO A 28 29.30 9.28 30.79
N PHE A 29 30.21 10.00 30.12
CA PHE A 29 30.89 9.36 28.99
C PHE A 29 31.64 8.11 29.42
N LEU A 30 32.14 8.08 30.66
CA LEU A 30 32.82 6.90 31.18
C LEU A 30 31.87 5.70 31.20
N VAL A 31 30.63 5.93 31.66
CA VAL A 31 29.61 4.89 31.66
C VAL A 31 29.17 4.57 30.25
N GLN A 32 29.11 5.59 29.37
CA GLN A 32 28.68 5.34 28.01
C GLN A 32 29.52 4.24 27.35
N ARG A 33 30.82 4.26 27.58
CA ARG A 33 31.70 3.27 26.95
C ARG A 33 31.47 1.89 27.53
N THR A 34 31.36 1.79 28.85
CA THR A 34 31.10 0.49 29.45
C THR A 34 29.73 -0.04 29.06
N VAL A 35 28.74 0.84 28.91
CA VAL A 35 27.42 0.39 28.51
C VAL A 35 27.46 -0.25 27.12
N ALA A 36 28.05 0.46 26.14
CA ALA A 36 28.10 -0.10 24.80
C ALA A 36 28.70 -1.51 24.81
N ARG A 37 29.76 -1.71 25.59
CA ARG A 37 30.35 -3.04 25.66
C ARG A 37 29.45 -4.04 26.35
N GLN A 38 28.59 -3.60 27.27
CA GLN A 38 27.73 -4.51 28.01
C GLN A 38 26.43 -4.81 27.27
N ILE A 39 26.21 -4.20 26.11
CA ILE A 39 24.98 -4.44 25.37
C ILE A 39 25.10 -5.73 24.57
N THR A 40 24.02 -6.50 24.53
CA THR A 40 23.87 -7.59 23.59
C THR A 40 22.78 -7.22 22.60
N LEU A 41 23.06 -7.41 21.31
CA LEU A 41 22.08 -7.14 20.27
C LEU A 41 21.21 -8.37 20.09
N LEU A 42 19.90 -8.20 20.17
CA LEU A 42 18.99 -9.32 20.15
C LEU A 42 18.23 -9.47 18.84
N GLU A 43 17.68 -8.40 18.31
CA GLU A 43 16.83 -8.47 17.14
C GLU A 43 17.00 -7.22 16.29
N CYS A 44 17.00 -7.43 14.96
CA CYS A 44 17.11 -6.32 14.02
C CYS A 44 15.72 -5.88 13.60
N VAL A 45 15.33 -4.67 13.97
CA VAL A 45 13.97 -4.17 13.78
C VAL A 45 13.85 -3.15 12.67
N GLY A 46 14.95 -2.67 12.11
CA GLY A 46 14.90 -1.68 11.07
C GLY A 46 16.16 -1.73 10.24
N LYS A 47 16.03 -1.52 8.94
CA LYS A 47 17.18 -1.41 8.06
C LYS A 47 16.83 -0.44 6.94
N GLY A 48 17.77 0.41 6.59
CA GLY A 48 17.57 1.34 5.51
C GLY A 48 18.87 1.97 5.09
N ARG A 49 18.78 3.04 4.30
CA ARG A 49 20.00 3.72 3.86
C ARG A 49 20.79 4.26 5.04
N TYR A 50 20.14 4.46 6.18
CA TYR A 50 20.79 4.98 7.38
C TYR A 50 21.63 3.94 8.09
N GLY A 51 21.47 2.66 7.76
CA GLY A 51 22.08 1.59 8.52
C GLY A 51 21.04 0.62 9.06
N GLU A 52 21.12 0.31 10.35
CA GLU A 52 20.24 -0.66 10.99
C GLU A 52 19.80 -0.15 12.36
N VAL A 53 18.62 -0.58 12.80
CA VAL A 53 18.23 -0.39 14.19
C VAL A 53 17.96 -1.76 14.80
N TRP A 54 18.42 -1.94 16.03
CA TRP A 54 18.31 -3.21 16.75
C TRP A 54 17.64 -2.99 18.09
N ARG A 55 16.87 -3.98 18.52
CA ARG A 55 16.55 -4.11 19.94
C ARG A 55 17.75 -4.77 20.61
N GLY A 56 18.40 -4.06 21.52
CA GLY A 56 19.48 -4.59 22.31
C GLY A 56 19.05 -4.70 23.77
N SER A 57 19.92 -5.29 24.56
CA SER A 57 19.64 -5.48 25.97
C SER A 57 20.86 -5.05 26.77
N TRP A 58 20.64 -4.15 27.71
CA TRP A 58 21.65 -3.77 28.69
C TRP A 58 21.14 -4.20 30.05
N GLN A 59 21.82 -5.17 30.66
CA GLN A 59 21.44 -5.72 31.97
C GLN A 59 19.96 -6.10 31.99
N GLY A 60 19.51 -6.70 30.91
CA GLY A 60 18.13 -7.18 30.84
C GLY A 60 17.09 -6.11 30.60
N GLU A 61 17.50 -4.91 30.23
CA GLU A 61 16.57 -3.84 29.88
C GLU A 61 16.73 -3.51 28.39
N ASN A 62 15.60 -3.33 27.72
CA ASN A 62 15.66 -3.04 26.29
C ASN A 62 16.26 -1.67 26.02
N VAL A 63 17.11 -1.58 25.00
CA VAL A 63 17.58 -0.33 24.44
C VAL A 63 17.50 -0.44 22.92
N ALA A 64 17.36 0.70 22.25
CA ALA A 64 17.43 0.74 20.80
C ALA A 64 18.85 1.10 20.39
N VAL A 65 19.41 0.34 19.45
CA VAL A 65 20.77 0.59 18.97
C VAL A 65 20.69 0.83 17.47
N LYS A 66 21.03 2.06 17.05
CA LYS A 66 21.13 2.40 15.64
C LYS A 66 22.60 2.27 15.24
N ILE A 67 22.85 1.47 14.23
CA ILE A 67 24.19 1.21 13.69
C ILE A 67 24.23 1.92 12.36
N PHE A 68 25.03 2.97 12.26
CA PHE A 68 24.98 3.86 11.12
C PHE A 68 25.74 3.30 9.93
N SER A 69 25.18 3.47 8.73
CA SER A 69 25.89 3.21 7.50
C SER A 69 27.03 4.20 7.34
N SER A 70 28.01 3.85 6.51
CA SER A 70 29.08 4.79 6.21
C SER A 70 28.52 6.05 5.57
N ARG A 71 27.48 5.92 4.76
CA ARG A 71 26.89 7.09 4.10
C ARG A 71 26.43 8.13 5.10
N ASP A 72 25.99 7.70 6.29
CA ASP A 72 25.41 8.59 7.28
C ASP A 72 26.33 8.79 8.49
N GLU A 73 27.61 8.46 8.36
CA GLU A 73 28.52 8.52 9.50
C GLU A 73 28.60 9.94 10.05
N LYS A 74 28.57 10.95 9.18
CA LYS A 74 28.61 12.31 9.70
C LYS A 74 27.38 12.64 10.53
N SER A 75 26.22 12.06 10.21
CA SER A 75 25.05 12.28 11.05
C SER A 75 25.22 11.65 12.42
N TRP A 76 25.82 10.45 12.47
CA TRP A 76 26.14 9.88 13.76
C TRP A 76 26.98 10.84 14.58
N PHE A 77 28.01 11.41 13.97
CA PHE A 77 28.89 12.27 14.77
C PHE A 77 28.16 13.52 15.22
N ARG A 78 27.38 14.13 14.31
CA ARG A 78 26.67 15.35 14.69
C ARG A 78 25.66 15.10 15.79
N GLU A 79 24.90 14.00 15.70
CA GLU A 79 23.91 13.70 16.72
C GLU A 79 24.57 13.37 18.05
N THR A 80 25.70 12.65 18.00
CA THR A 80 26.44 12.33 19.21
C THR A 80 26.89 13.60 19.93
N GLU A 81 27.51 14.53 19.19
CA GLU A 81 28.00 15.74 19.85
C GLU A 81 26.85 16.60 20.35
N LEU A 82 25.71 16.59 19.66
CA LEU A 82 24.56 17.36 20.13
C LEU A 82 24.09 16.84 21.48
N TYR A 83 23.78 15.55 21.54
CA TYR A 83 23.20 14.98 22.75
C TYR A 83 24.18 15.01 23.91
N ASN A 84 25.48 14.90 23.64
CA ASN A 84 26.43 14.92 24.73
C ASN A 84 26.67 16.31 25.29
N THR A 85 26.41 17.37 24.50
CA THR A 85 26.76 18.73 24.90
C THR A 85 25.56 19.58 25.27
N VAL A 86 24.37 19.18 24.85
CA VAL A 86 23.14 19.86 25.23
C VAL A 86 22.34 18.93 26.11
N MET A 87 21.88 19.45 27.24
CA MET A 87 20.90 18.78 28.08
C MET A 87 19.59 18.73 27.30
N LEU A 88 19.31 17.60 26.66
CA LEU A 88 18.11 17.38 25.88
C LEU A 88 17.44 16.20 26.56
N ARG A 89 16.55 16.50 27.51
CA ARG A 89 15.74 15.49 28.17
C ARG A 89 14.33 16.04 28.16
N HIS A 90 13.45 15.38 27.43
CA HIS A 90 12.08 15.83 27.31
C HIS A 90 11.27 14.60 26.94
N GLU A 91 10.08 14.50 27.52
CA GLU A 91 9.18 13.38 27.28
C GLU A 91 8.89 13.15 25.79
N ASN A 92 8.98 14.19 24.97
CA ASN A 92 8.65 14.06 23.56
C ASN A 92 9.86 14.19 22.66
N ILE A 93 11.06 13.96 23.20
CA ILE A 93 12.28 13.80 22.42
C ILE A 93 12.87 12.44 22.75
N LEU A 94 13.30 11.71 21.73
CA LEU A 94 13.90 10.39 21.97
C LEU A 94 15.03 10.48 23.00
N GLY A 95 14.95 9.61 24.00
CA GLY A 95 15.90 9.64 25.11
C GLY A 95 17.25 9.04 24.78
N PHE A 96 18.28 9.87 24.74
CA PHE A 96 19.65 9.43 24.47
C PHE A 96 20.24 8.74 25.70
N ILE A 97 20.94 7.64 25.46
CA ILE A 97 21.67 6.92 26.50
C ILE A 97 23.17 6.99 26.28
N ALA A 98 23.63 6.63 25.09
CA ALA A 98 25.06 6.61 24.84
C ALA A 98 25.34 6.57 23.35
N SER A 99 26.60 6.88 23.01
CA SER A 99 27.09 6.77 21.65
C SER A 99 28.50 6.17 21.73
N ASP A 100 28.82 5.29 20.79
CA ASP A 100 30.16 4.73 20.80
C ASP A 100 30.57 4.27 19.41
N MET A 101 31.87 4.33 19.17
CA MET A 101 32.51 3.67 18.05
C MET A 101 33.06 2.38 18.62
N THR A 102 32.37 1.28 18.37
CA THR A 102 32.67 0.04 19.06
C THR A 102 32.90 -1.06 18.03
N SER A 103 33.27 -2.23 18.51
CA SER A 103 33.48 -3.40 17.66
C SER A 103 32.40 -4.42 17.97
N ARG A 104 31.78 -4.95 16.93
CA ARG A 104 30.93 -6.12 17.08
C ARG A 104 31.29 -7.07 15.93
N HIS A 105 31.48 -8.34 16.25
CA HIS A 105 31.85 -9.35 15.25
C HIS A 105 33.06 -8.87 14.44
N SER A 106 34.02 -8.25 15.13
CA SER A 106 35.29 -7.81 14.56
C SER A 106 35.11 -6.73 13.49
N SER A 107 34.03 -5.97 13.54
CA SER A 107 33.84 -4.82 12.68
C SER A 107 33.61 -3.59 13.53
N THR A 108 34.31 -2.51 13.20
CA THR A 108 34.14 -1.26 13.91
C THR A 108 32.85 -0.61 13.44
N GLN A 109 32.02 -0.20 14.39
CA GLN A 109 30.69 0.27 14.07
C GLN A 109 30.37 1.52 14.85
N LEU A 110 29.51 2.35 14.28
CA LEU A 110 29.06 3.58 14.91
C LEU A 110 27.69 3.34 15.52
N TRP A 111 27.62 3.36 16.85
CA TRP A 111 26.37 3.08 17.55
C TRP A 111 25.79 4.33 18.21
N LEU A 112 24.48 4.49 18.06
CA LEU A 112 23.72 5.42 18.88
C LEU A 112 22.72 4.61 19.68
N ILE A 113 22.75 4.75 20.99
CA ILE A 113 21.96 3.94 21.91
C ILE A 113 20.94 4.83 22.58
N THR A 114 19.66 4.46 22.45
CA THR A 114 18.58 5.27 23.01
C THR A 114 17.58 4.39 23.74
N HIS A 115 16.58 5.05 24.35
CA HIS A 115 15.42 4.33 24.85
CA HIS A 115 15.43 4.33 24.85
C HIS A 115 14.79 3.52 23.72
N TYR A 116 14.28 2.34 24.09
CA TYR A 116 13.64 1.43 23.15
C TYR A 116 12.13 1.63 23.22
N HIS A 117 11.52 1.99 22.08
CA HIS A 117 10.07 2.13 21.98
C HIS A 117 9.52 1.01 21.10
N GLU A 118 8.91 0.01 21.75
CA GLU A 118 8.54 -1.20 21.04
C GLU A 118 7.58 -0.93 19.89
N MET A 119 6.76 0.12 19.97
CA MET A 119 5.82 0.35 18.90
C MET A 119 6.49 0.79 17.61
N GLY A 120 7.72 1.30 17.69
CA GLY A 120 8.39 1.76 16.49
C GLY A 120 7.90 3.12 15.99
N SER A 121 8.05 3.31 14.69
CA SER A 121 7.88 4.64 14.11
C SER A 121 6.39 4.95 13.94
N LEU A 122 6.08 6.23 14.01
CA LEU A 122 4.70 6.67 13.71
C LEU A 122 4.31 6.26 12.29
N TYR A 123 5.25 6.36 11.35
CA TYR A 123 5.01 5.90 9.99
C TYR A 123 4.46 4.48 9.95
N ASP A 124 5.14 3.55 10.62
CA ASP A 124 4.66 2.16 10.60
C ASP A 124 3.39 2.00 11.42
N TYR A 125 3.31 2.67 12.57
CA TYR A 125 2.16 2.55 13.44
C TYR A 125 0.86 2.97 12.74
N LEU A 126 0.91 4.06 11.98
CA LEU A 126 -0.29 4.52 11.29
C LEU A 126 -0.78 3.54 10.22
N GLN A 127 0.09 2.65 9.75
CA GLN A 127 -0.34 1.65 8.78
C GLN A 127 -0.94 0.42 9.44
N LEU A 128 -0.76 0.27 10.75
CA LEU A 128 -1.24 -0.92 11.44
C LEU A 128 -2.57 -0.71 12.15
N THR A 129 -2.88 0.52 12.53
CA THR A 129 -4.11 0.72 13.27
C THR A 129 -4.69 2.08 12.97
N THR A 130 -5.88 2.29 13.50
CA THR A 130 -6.57 3.57 13.43
C THR A 130 -6.61 4.21 14.80
N LEU A 131 -7.09 5.45 14.82
CA LEU A 131 -7.09 6.28 16.02
C LEU A 131 -8.49 6.78 16.30
N ASP A 132 -8.74 7.10 17.57
CA ASP A 132 -9.93 7.84 17.98
C ASP A 132 -9.50 9.24 18.38
N THR A 133 -10.48 10.05 18.80
CA THR A 133 -10.20 11.46 19.06
C THR A 133 -9.08 11.61 20.10
N VAL A 134 -9.16 10.85 21.20
CA VAL A 134 -8.18 11.02 22.27
C VAL A 134 -6.78 10.62 21.81
N SER A 135 -6.65 9.51 21.08
CA SER A 135 -5.32 9.05 20.72
C SER A 135 -4.72 9.87 19.58
N CYS A 136 -5.57 10.37 18.67
CA CYS A 136 -5.09 11.28 17.65
C CYS A 136 -4.54 12.55 18.27
N LEU A 137 -5.31 13.19 19.16
CA LEU A 137 -4.86 14.42 19.77
C LEU A 137 -3.61 14.20 20.63
N ARG A 138 -3.54 13.06 21.31
CA ARG A 138 -2.36 12.75 22.11
C ARG A 138 -1.11 12.68 21.24
N ILE A 139 -1.21 12.05 20.07
CA ILE A 139 -0.06 11.99 19.17
C ILE A 139 0.36 13.38 18.74
N VAL A 140 -0.58 14.17 18.22
CA VAL A 140 -0.13 15.40 17.57
C VAL A 140 0.26 16.44 18.60
N LEU A 141 -0.35 16.41 19.79
CA LEU A 141 0.08 17.33 20.84
C LEU A 141 1.47 16.97 21.33
N SER A 142 1.79 15.67 21.42
CA SER A 142 3.11 15.32 21.93
C SER A 142 4.19 15.69 20.92
N ILE A 143 3.91 15.57 19.62
CA ILE A 143 4.85 16.05 18.62
C ILE A 143 5.04 17.56 18.72
N ALA A 144 3.93 18.30 18.84
CA ALA A 144 4.04 19.75 18.95
C ALA A 144 4.84 20.13 20.20
N SER A 145 4.62 19.41 21.29
CA SER A 145 5.34 19.73 22.51
C SER A 145 6.83 19.45 22.37
N GLY A 146 7.19 18.32 21.77
CA GLY A 146 8.59 18.05 21.52
C GLY A 146 9.20 19.06 20.58
N LEU A 147 8.47 19.45 19.55
CA LEU A 147 9.01 20.41 18.59
C LEU A 147 9.21 21.78 19.23
N ALA A 148 8.26 22.22 20.05
CA ALA A 148 8.44 23.49 20.74
C ALA A 148 9.67 23.43 21.64
N HIS A 149 9.86 22.31 22.35
CA HIS A 149 11.03 22.20 23.22
C HIS A 149 12.33 22.25 22.42
N LEU A 150 12.36 21.59 21.27
CA LEU A 150 13.54 21.71 20.40
C LEU A 150 13.79 23.15 20.01
N HIS A 151 12.74 23.82 19.55
CA HIS A 151 12.87 25.13 18.93
C HIS A 151 13.24 26.24 19.91
N ILE A 152 12.85 26.11 21.18
CA ILE A 152 12.99 27.19 22.14
CA ILE A 152 12.98 27.21 22.13
C ILE A 152 14.42 27.26 22.64
N GLU A 153 15.03 28.45 22.57
CA GLU A 153 16.33 28.64 23.21
C GLU A 153 16.09 28.88 24.70
N ILE A 154 16.80 28.15 25.55
CA ILE A 154 16.73 28.41 27.00
C ILE A 154 18.09 28.93 27.45
N PHE A 155 18.09 30.11 28.05
CA PHE A 155 19.31 30.73 28.55
C PHE A 155 19.63 30.17 29.92
N GLY A 156 20.87 30.34 30.33
CA GLY A 156 21.34 29.89 31.63
C GLY A 156 22.21 28.66 31.54
N THR A 157 22.76 28.32 32.70
CA THR A 157 23.72 27.22 32.78
C THR A 157 23.08 25.87 32.50
N GLN A 158 21.78 25.73 32.74
CA GLN A 158 21.09 24.47 32.45
C GLN A 158 20.10 24.63 31.30
N GLY A 159 20.32 25.60 30.42
CA GLY A 159 19.47 25.83 29.27
C GLY A 159 19.89 25.01 28.06
N LYS A 160 19.54 25.48 26.87
CA LYS A 160 19.85 24.74 25.66
C LYS A 160 19.82 25.70 24.49
N PRO A 161 20.60 25.45 23.43
CA PRO A 161 20.42 26.26 22.22
C PRO A 161 19.07 25.93 21.60
N ALA A 162 18.58 26.87 20.80
CA ALA A 162 17.48 26.57 19.90
C ALA A 162 17.93 25.51 18.91
N ILE A 163 17.03 24.59 18.56
CA ILE A 163 17.34 23.50 17.66
C ILE A 163 16.25 23.37 16.61
N ALA A 164 16.63 23.39 15.33
CA ALA A 164 15.72 23.05 14.24
C ALA A 164 16.08 21.67 13.72
N HIS A 165 15.06 20.83 13.51
CA HIS A 165 15.28 19.42 13.24
C HIS A 165 15.77 19.17 11.83
N ARG A 166 15.10 19.78 10.84
CA ARG A 166 15.40 19.74 9.42
C ARG A 166 15.04 18.43 8.74
N ASP A 167 14.56 17.43 9.45
CA ASP A 167 14.03 16.26 8.75
C ASP A 167 12.85 15.67 9.50
N LEU A 168 11.93 16.54 9.95
CA LEU A 168 10.75 16.09 10.66
C LEU A 168 9.80 15.39 9.71
N LYS A 169 9.35 14.19 10.10
CA LYS A 169 8.48 13.37 9.29
C LYS A 169 8.08 12.18 10.14
N SER A 170 7.14 11.38 9.63
CA SER A 170 6.57 10.32 10.47
C SER A 170 7.56 9.18 10.71
N LYS A 171 8.52 8.97 9.78
CA LYS A 171 9.55 7.97 10.04
C LYS A 171 10.52 8.38 11.13
N ASN A 172 10.56 9.67 11.49
CA ASN A 172 11.45 10.18 12.53
C ASN A 172 10.69 10.54 13.80
N ILE A 173 9.52 9.94 14.00
CA ILE A 173 8.75 10.06 15.25
C ILE A 173 8.50 8.64 15.73
N LEU A 174 8.74 8.40 17.02
CA LEU A 174 8.47 7.10 17.62
C LEU A 174 7.26 7.17 18.52
N VAL A 175 6.54 6.06 18.62
CA VAL A 175 5.31 5.96 19.40
C VAL A 175 5.61 5.22 20.69
N LYS A 176 5.11 5.75 21.80
CA LYS A 176 5.19 5.10 23.10
C LYS A 176 3.95 4.25 23.37
N LYS A 177 4.09 3.31 24.30
CA LYS A 177 2.97 2.44 24.65
C LYS A 177 1.78 3.25 25.16
N ASN A 178 2.04 4.40 25.79
CA ASN A 178 0.95 5.22 26.31
C ASN A 178 0.31 6.10 25.24
N GLY A 179 0.76 6.01 24.00
CA GLY A 179 0.18 6.79 22.94
C GLY A 179 0.80 8.16 22.73
N GLN A 180 1.66 8.63 23.63
CA GLN A 180 2.46 9.79 23.31
C GLN A 180 3.52 9.40 22.28
N CYS A 181 4.13 10.40 21.65
CA CYS A 181 5.22 10.17 20.71
C CYS A 181 6.47 10.94 21.15
N CYS A 182 7.60 10.60 20.54
CA CYS A 182 8.81 11.41 20.71
C CYS A 182 9.50 11.59 19.37
N ILE A 183 10.11 12.74 19.21
CA ILE A 183 10.83 13.09 17.99
C ILE A 183 12.22 12.48 18.04
N ALA A 184 12.64 11.93 16.92
CA ALA A 184 13.89 11.21 16.82
C ALA A 184 14.74 11.77 15.67
N ASP A 185 16.04 11.39 15.73
CA ASP A 185 16.99 11.59 14.66
C ASP A 185 17.35 13.06 14.50
N LEU A 186 18.33 13.50 15.29
CA LEU A 186 18.79 14.86 15.31
C LEU A 186 20.07 15.05 14.48
N GLY A 187 20.36 14.10 13.60
CA GLY A 187 21.61 14.12 12.85
C GLY A 187 21.73 15.22 11.82
N LEU A 188 20.61 15.82 11.41
CA LEU A 188 20.64 16.97 10.51
C LEU A 188 20.31 18.28 11.20
N ALA A 189 20.07 18.24 12.51
CA ALA A 189 19.60 19.42 13.21
C ALA A 189 20.63 20.54 13.15
N VAL A 190 20.12 21.77 13.12
CA VAL A 190 20.96 22.95 13.23
C VAL A 190 20.62 23.65 14.53
N MET A 191 21.60 24.33 15.10
CA MET A 191 21.45 24.92 16.41
C MET A 191 21.88 26.37 16.41
N HIS A 192 21.25 27.14 17.29
CA HIS A 192 21.49 28.56 17.40
C HIS A 192 21.55 28.96 18.87
N SER A 193 22.62 29.64 19.25
CA SER A 193 22.72 30.28 20.54
C SER A 193 22.91 31.77 20.34
N GLN A 194 22.39 32.55 21.29
CA GLN A 194 22.67 33.98 21.34
C GLN A 194 24.14 34.25 21.10
N SER A 195 25.01 33.38 21.61
CA SER A 195 26.45 33.56 21.47
C SER A 195 26.91 33.33 20.04
N THR A 196 27.04 32.06 19.64
CA THR A 196 27.49 31.75 18.28
C THR A 196 26.66 32.53 17.27
N ASN A 197 27.34 32.99 16.20
CA ASN A 197 26.68 33.72 15.13
C ASN A 197 26.50 32.88 13.86
N GLN A 198 27.44 32.00 13.55
CA GLN A 198 27.43 31.26 12.30
C GLN A 198 26.67 29.96 12.51
N LEU A 199 25.47 29.87 11.93
CA LEU A 199 24.78 28.60 11.86
C LEU A 199 25.62 27.59 11.08
N ASP A 200 25.31 26.32 11.29
CA ASP A 200 25.97 25.22 10.58
C ASP A 200 25.10 24.71 9.45
N VAL A 201 24.43 25.62 8.74
CA VAL A 201 23.54 25.29 7.63
C VAL A 201 24.14 24.20 6.74
N GLY A 202 25.46 24.23 6.56
CA GLY A 202 26.15 23.17 5.86
C GLY A 202 25.91 23.17 4.36
N ASN A 203 26.09 24.31 3.70
CA ASN A 203 26.01 24.41 2.24
C ASN A 203 24.55 24.13 1.84
N ASN A 204 24.30 23.32 0.84
CA ASN A 204 23.01 23.01 0.28
C ASN A 204 21.96 22.94 1.37
N PRO A 205 20.87 23.70 1.25
CA PRO A 205 19.81 23.62 2.26
C PRO A 205 18.91 22.42 2.09
N ARG A 206 19.04 21.70 0.97
CA ARG A 206 18.11 20.63 0.62
C ARG A 206 18.60 19.31 1.21
N VAL A 207 18.65 19.26 2.54
CA VAL A 207 19.28 18.13 3.23
C VAL A 207 18.28 17.05 3.67
N GLY A 208 17.01 17.38 3.80
CA GLY A 208 16.08 16.40 4.33
C GLY A 208 15.41 15.55 3.27
N THR A 209 14.13 15.29 3.51
CA THR A 209 13.33 14.40 2.67
C THR A 209 12.50 15.22 1.71
N LYS A 210 12.68 14.99 0.42
CA LYS A 210 12.12 15.91 -0.57
C LYS A 210 10.62 16.06 -0.41
N ARG A 211 9.92 14.95 -0.15
CA ARG A 211 8.47 14.99 -0.02
C ARG A 211 8.01 15.95 1.06
N TYR A 212 8.83 16.17 2.09
CA TYR A 212 8.44 17.03 3.19
C TYR A 212 9.07 18.43 3.13
N MET A 213 9.83 18.74 2.09
CA MET A 213 10.54 20.02 2.07
C MET A 213 9.60 21.19 1.79
N ALA A 214 9.80 22.28 2.53
CA ALA A 214 9.03 23.51 2.33
C ALA A 214 9.36 24.16 0.99
N PRO A 215 8.45 24.98 0.47
CA PRO A 215 8.70 25.60 -0.86
C PRO A 215 10.04 26.30 -0.92
N GLU A 216 10.40 27.06 0.13
CA GLU A 216 11.61 27.88 0.11
C GLU A 216 12.88 27.03 0.14
N VAL A 217 12.81 25.80 0.66
CA VAL A 217 13.94 24.88 0.51
C VAL A 217 14.01 24.36 -0.91
N LEU A 218 12.88 23.91 -1.45
CA LEU A 218 12.85 23.37 -2.80
C LEU A 218 13.39 24.36 -3.82
N ASP A 219 12.95 25.62 -3.75
CA ASP A 219 13.42 26.60 -4.71
C ASP A 219 14.66 27.33 -4.22
N GLU A 220 15.22 26.88 -3.09
CA GLU A 220 16.51 27.35 -2.60
C GLU A 220 16.54 28.86 -2.40
N THR A 221 15.40 29.45 -2.02
CA THR A 221 15.40 30.86 -1.63
C THR A 221 15.52 31.04 -0.14
N ILE A 222 15.44 29.96 0.63
CA ILE A 222 15.57 30.04 2.07
C ILE A 222 16.79 30.88 2.43
N GLN A 223 16.64 31.76 3.41
CA GLN A 223 17.75 32.60 3.88
C GLN A 223 18.63 31.69 4.73
N VAL A 224 19.73 31.17 4.15
CA VAL A 224 20.42 30.08 4.82
C VAL A 224 21.06 30.54 6.11
N ASP A 225 21.21 31.85 6.28
CA ASP A 225 21.86 32.46 7.44
C ASP A 225 20.89 32.84 8.55
N CYS A 226 19.61 32.57 8.38
CA CYS A 226 18.58 33.03 9.31
C CYS A 226 18.02 31.82 10.04
N PHE A 227 18.28 31.75 11.35
CA PHE A 227 17.93 30.51 12.05
C PHE A 227 16.42 30.29 12.07
N ASP A 228 15.64 31.35 12.28
CA ASP A 228 14.20 31.21 12.30
C ASP A 228 13.65 30.65 10.98
N SER A 229 14.39 30.79 9.87
CA SER A 229 13.96 30.16 8.62
C SER A 229 13.87 28.65 8.78
N TYR A 230 14.78 28.07 9.57
CA TYR A 230 14.78 26.63 9.73
C TYR A 230 13.65 26.17 10.65
N LYS A 231 13.28 26.97 11.65
CA LYS A 231 12.10 26.62 12.44
C LYS A 231 10.85 26.56 11.56
N ARG A 232 10.73 27.51 10.63
CA ARG A 232 9.53 27.56 9.78
C ARG A 232 9.47 26.39 8.81
N VAL A 233 10.63 25.89 8.37
CA VAL A 233 10.68 24.69 7.57
C VAL A 233 10.17 23.49 8.36
N ASP A 234 10.56 23.39 9.64
CA ASP A 234 10.03 22.34 10.50
C ASP A 234 8.51 22.41 10.60
N ILE A 235 7.96 23.62 10.67
CA ILE A 235 6.52 23.78 10.86
C ILE A 235 5.76 23.30 9.63
N TRP A 236 6.26 23.63 8.45
CA TRP A 236 5.73 23.09 7.20
C TRP A 236 5.65 21.55 7.27
N ALA A 237 6.76 20.92 7.66
CA ALA A 237 6.78 19.47 7.75
C ALA A 237 5.81 18.96 8.80
N PHE A 238 5.70 19.66 9.92
CA PHE A 238 4.77 19.22 10.94
C PHE A 238 3.34 19.24 10.44
N GLY A 239 2.98 20.26 9.65
CA GLY A 239 1.64 20.26 9.10
C GLY A 239 1.36 19.04 8.26
N LEU A 240 2.36 18.58 7.51
CA LEU A 240 2.21 17.37 6.71
C LEU A 240 2.01 16.15 7.60
N VAL A 241 2.75 16.06 8.71
CA VAL A 241 2.57 14.97 9.65
C VAL A 241 1.18 15.03 10.27
N LEU A 242 0.72 16.23 10.64
CA LEU A 242 -0.64 16.36 11.14
C LEU A 242 -1.65 15.74 10.18
N TRP A 243 -1.48 16.04 8.88
CA TRP A 243 -2.36 15.49 7.86
C TRP A 243 -2.28 13.98 7.81
N GLU A 244 -1.05 13.44 7.86
CA GLU A 244 -0.89 11.98 7.85
C GLU A 244 -1.65 11.32 8.99
N VAL A 245 -1.56 11.91 10.18
CA VAL A 245 -2.15 11.31 11.38
C VAL A 245 -3.67 11.43 11.32
N ALA A 246 -4.16 12.62 10.95
CA ALA A 246 -5.60 12.88 11.01
C ALA A 246 -6.37 11.97 10.07
N ARG A 247 -5.75 11.55 8.97
CA ARG A 247 -6.37 10.58 8.09
C ARG A 247 -6.75 9.29 8.80
N ARG A 248 -6.00 8.92 9.84
CA ARG A 248 -6.22 7.64 10.51
C ARG A 248 -7.12 7.76 11.73
N MET A 249 -7.63 8.95 12.03
CA MET A 249 -8.62 9.10 13.10
C MET A 249 -10.01 8.75 12.58
N VAL A 250 -10.66 7.79 13.22
CA VAL A 250 -11.98 7.35 12.80
C VAL A 250 -13.02 8.37 13.22
N SER A 251 -13.98 8.65 12.34
CA SER A 251 -15.19 9.39 12.68
C SER A 251 -16.35 8.67 12.04
N ASN A 252 -17.40 8.41 12.84
CA ASN A 252 -18.60 7.70 12.37
C ASN A 252 -18.25 6.45 11.56
N GLY A 253 -17.26 5.70 12.04
CA GLY A 253 -16.89 4.49 11.35
C GLY A 253 -16.16 4.70 10.05
N ILE A 254 -15.74 5.94 9.75
CA ILE A 254 -15.03 6.27 8.53
C ILE A 254 -13.58 6.59 8.86
N VAL A 255 -12.67 6.15 7.98
CA VAL A 255 -11.26 6.52 8.08
C VAL A 255 -10.67 6.47 6.67
N GLU A 256 -9.56 7.18 6.48
CA GLU A 256 -8.80 7.09 5.25
C GLU A 256 -7.64 6.10 5.43
N ASP A 257 -7.18 5.52 4.33
CA ASP A 257 -6.00 4.68 4.40
C ASP A 257 -4.76 5.54 4.66
N TYR A 258 -3.71 4.93 5.19
CA TYR A 258 -2.47 5.68 5.35
C TYR A 258 -1.89 5.99 3.98
N LYS A 259 -1.48 7.24 3.76
CA LYS A 259 -0.73 7.64 2.57
C LYS A 259 0.30 8.68 2.97
N PRO A 260 1.46 8.70 2.33
CA PRO A 260 2.41 9.79 2.59
C PRO A 260 1.92 11.09 1.95
N PRO A 261 2.39 12.23 2.45
CA PRO A 261 1.98 13.50 1.86
C PRO A 261 2.26 13.53 0.38
N PHE A 262 1.30 14.04 -0.38
CA PHE A 262 1.42 14.22 -1.82
C PHE A 262 1.54 12.91 -2.58
N TYR A 263 1.12 11.81 -1.96
N TYR A 263 1.05 11.80 -2.01
CA TYR A 263 1.19 10.49 -2.58
CA TYR A 263 1.26 10.49 -2.61
C TYR A 263 0.71 10.51 -4.03
C TYR A 263 0.64 10.39 -4.00
N ASP A 264 -0.42 11.17 -4.26
CA ASP A 264 -1.11 11.07 -5.53
C ASP A 264 -0.47 11.90 -6.63
N VAL A 265 0.17 13.02 -6.27
CA VAL A 265 0.62 13.98 -7.26
C VAL A 265 2.11 13.86 -7.57
N VAL A 266 2.86 13.02 -6.85
CA VAL A 266 4.27 12.79 -7.19
C VAL A 266 4.59 11.31 -7.05
N PRO A 267 5.65 10.86 -7.69
CA PRO A 267 6.03 9.44 -7.61
C PRO A 267 6.81 9.13 -6.34
N ASN A 268 7.01 7.83 -6.09
CA ASN A 268 7.92 7.42 -5.03
C ASN A 268 9.32 7.94 -5.33
N ASP A 269 10.03 8.35 -4.29
CA ASP A 269 11.34 8.99 -4.43
C ASP A 269 11.22 10.19 -5.39
N PRO A 270 10.34 11.15 -5.08
CA PRO A 270 10.12 12.26 -6.02
C PRO A 270 11.35 13.11 -6.22
N SER A 271 11.50 13.64 -7.42
CA SER A 271 12.59 14.56 -7.71
C SER A 271 12.29 15.95 -7.16
N PHE A 272 13.36 16.74 -7.01
CA PHE A 272 13.21 18.14 -6.64
C PHE A 272 12.23 18.85 -7.56
N GLU A 273 12.38 18.64 -8.88
CA GLU A 273 11.52 19.32 -9.84
C GLU A 273 10.07 18.88 -9.68
N ASP A 274 9.84 17.59 -9.47
CA ASP A 274 8.48 17.13 -9.15
C ASP A 274 7.89 17.97 -8.02
N MET A 275 8.65 18.12 -6.92
CA MET A 275 8.11 18.79 -5.75
C MET A 275 7.94 20.29 -6.01
N ARG A 276 8.86 20.91 -6.75
CA ARG A 276 8.76 22.35 -7.00
C ARG A 276 7.48 22.69 -7.74
N LYS A 277 7.13 21.92 -8.76
CA LYS A 277 5.93 22.24 -9.54
C LYS A 277 4.69 22.19 -8.69
N VAL A 278 4.60 21.18 -7.80
CA VAL A 278 3.41 21.03 -6.97
C VAL A 278 3.34 22.14 -5.93
N VAL A 279 4.42 22.34 -5.20
CA VAL A 279 4.37 23.17 -4.00
C VAL A 279 4.74 24.62 -4.27
N CYS A 280 5.60 24.89 -5.25
CA CYS A 280 6.04 26.25 -5.54
C CYS A 280 5.22 26.87 -6.67
N VAL A 281 5.13 26.18 -7.82
CA VAL A 281 4.43 26.77 -8.95
C VAL A 281 2.92 26.73 -8.73
N ASP A 282 2.38 25.53 -8.50
CA ASP A 282 0.94 25.36 -8.36
C ASP A 282 0.44 25.69 -6.96
N GLN A 283 1.35 25.76 -5.98
CA GLN A 283 1.00 26.04 -4.59
C GLN A 283 -0.05 25.07 -4.09
N GLN A 284 0.12 23.80 -4.45
CA GLN A 284 -0.74 22.72 -4.01
C GLN A 284 -0.42 22.28 -2.59
N ARG A 285 -1.43 21.75 -1.91
CA ARG A 285 -1.32 21.20 -0.57
C ARG A 285 -2.03 19.87 -0.55
N PRO A 286 -1.74 19.02 0.42
CA PRO A 286 -2.50 17.77 0.55
C PRO A 286 -3.99 18.05 0.65
N ASN A 287 -4.78 17.23 -0.05
CA ASN A 287 -6.22 17.44 -0.07
C ASN A 287 -6.84 17.07 1.26
N ILE A 288 -7.85 17.81 1.67
CA ILE A 288 -8.55 17.56 2.94
C ILE A 288 -9.74 16.66 2.64
N PRO A 289 -9.83 15.49 3.26
CA PRO A 289 -11.00 14.63 3.02
C PRO A 289 -12.28 15.31 3.49
N ASN A 290 -13.32 15.17 2.66
CA ASN A 290 -14.58 15.87 2.94
C ASN A 290 -15.11 15.51 4.32
N ARG A 291 -14.96 14.24 4.73
CA ARG A 291 -15.62 13.82 5.95
C ARG A 291 -15.03 14.47 7.20
N TRP A 292 -13.84 15.08 7.11
CA TRP A 292 -13.31 15.75 8.28
C TRP A 292 -14.21 16.89 8.76
N PHE A 293 -14.99 17.46 7.86
CA PHE A 293 -15.91 18.55 8.23
C PHE A 293 -17.22 18.05 8.80
N SER A 294 -17.33 16.75 9.06
CA SER A 294 -18.41 16.21 9.88
C SER A 294 -18.00 16.06 11.35
N ASP A 295 -16.76 16.37 11.69
CA ASP A 295 -16.21 16.09 13.03
C ASP A 295 -15.52 17.34 13.57
N PRO A 296 -15.85 17.76 14.80
CA PRO A 296 -15.25 19.01 15.30
C PRO A 296 -13.73 18.94 15.46
N THR A 297 -13.19 17.80 15.88
CA THR A 297 -11.75 17.70 16.06
C THR A 297 -11.04 17.78 14.72
N LEU A 298 -11.51 17.01 13.73
CA LEU A 298 -10.85 16.99 12.44
C LEU A 298 -11.01 18.31 11.70
N THR A 299 -12.15 18.98 11.88
CA THR A 299 -12.31 20.35 11.37
C THR A 299 -11.26 21.29 11.94
N SER A 300 -11.05 21.23 13.26
CA SER A 300 -10.00 22.06 13.88
C SER A 300 -8.61 21.69 13.36
N LEU A 301 -8.33 20.39 13.22
CA LEU A 301 -7.02 19.98 12.74
C LEU A 301 -6.79 20.44 11.31
N ALA A 302 -7.82 20.35 10.45
CA ALA A 302 -7.68 20.85 9.09
C ALA A 302 -7.28 22.32 9.08
N LYS A 303 -7.96 23.14 9.90
CA LYS A 303 -7.59 24.54 9.99
C LYS A 303 -6.16 24.71 10.46
N LEU A 304 -5.76 23.90 11.45
CA LEU A 304 -4.41 24.01 11.99
C LEU A 304 -3.36 23.69 10.94
N MET A 305 -3.55 22.59 10.21
CA MET A 305 -2.51 22.21 9.26
C MET A 305 -2.40 23.22 8.14
N LYS A 306 -3.51 23.86 7.75
CA LYS A 306 -3.43 24.90 6.72
C LYS A 306 -2.61 26.09 7.20
N GLU A 307 -2.63 26.38 8.50
CA GLU A 307 -1.82 27.45 9.06
C GLU A 307 -0.36 27.07 9.22
N CYS A 308 -0.01 25.81 8.97
CA CYS A 308 1.38 25.37 8.92
C CYS A 308 1.94 25.40 7.50
N TRP A 309 1.08 25.53 6.50
CA TRP A 309 1.45 25.36 5.10
C TRP A 309 1.42 26.63 4.29
N TYR A 310 1.33 27.78 4.92
CA TYR A 310 1.34 29.01 4.14
C TYR A 310 2.60 29.09 3.29
N GLN A 311 2.45 29.60 2.08
CA GLN A 311 3.61 29.82 1.22
C GLN A 311 4.60 30.78 1.88
N ASN A 312 4.10 31.83 2.53
CA ASN A 312 4.91 32.80 3.24
C ASN A 312 5.40 32.16 4.54
N PRO A 313 6.68 31.87 4.66
CA PRO A 313 7.15 31.17 5.88
C PRO A 313 6.84 31.94 7.16
N SER A 314 6.88 33.26 7.12
CA SER A 314 6.63 34.05 8.33
C SER A 314 5.16 34.05 8.74
N ALA A 315 4.25 33.61 7.87
CA ALA A 315 2.85 33.51 8.26
C ALA A 315 2.55 32.22 9.00
N ARG A 316 3.43 31.23 8.95
CA ARG A 316 3.17 29.97 9.60
C ARG A 316 3.16 30.11 11.12
N LEU A 317 2.30 29.32 11.76
CA LEU A 317 2.23 29.28 13.21
C LEU A 317 3.56 28.81 13.79
N THR A 318 3.84 29.25 15.01
CA THR A 318 4.95 28.71 15.79
C THR A 318 4.53 27.38 16.44
N ALA A 319 5.54 26.59 16.83
CA ALA A 319 5.28 25.34 17.52
C ALA A 319 4.49 25.58 18.79
N LEU A 320 4.80 26.65 19.52
CA LEU A 320 4.06 26.93 20.76
C LEU A 320 2.61 27.29 20.47
N ARG A 321 2.35 28.04 19.39
CA ARG A 321 0.98 28.36 19.05
C ARG A 321 0.20 27.11 18.65
N ILE A 322 0.85 26.20 17.92
CA ILE A 322 0.22 24.93 17.58
C ILE A 322 -0.08 24.13 18.85
N LYS A 323 0.90 24.06 19.75
CA LYS A 323 0.70 23.36 21.01
C LYS A 323 -0.49 23.92 21.77
N LYS A 324 -0.58 25.24 21.86
CA LYS A 324 -1.70 25.87 22.55
C LYS A 324 -3.04 25.48 21.91
N THR A 325 -3.13 25.59 20.58
CA THR A 325 -4.38 25.28 19.90
C THR A 325 -4.78 23.84 20.14
N LEU A 326 -3.83 22.91 20.02
CA LEU A 326 -4.14 21.50 20.26
C LEU A 326 -4.57 21.27 21.70
N THR A 327 -4.03 22.02 22.67
CA THR A 327 -4.43 21.86 24.05
CA THR A 327 -4.45 21.82 24.05
C THR A 327 -5.88 22.30 24.27
N LYS A 328 -6.35 23.26 23.48
CA LYS A 328 -7.71 23.76 23.63
C LYS A 328 -8.74 22.83 23.00
N ILE A 329 -8.35 22.16 21.91
CA ILE A 329 -9.21 21.16 21.29
C ILE A 329 -9.42 19.97 22.22
N ASP A 330 -8.51 19.78 23.17
CA ASP A 330 -8.54 18.73 24.20
C ASP A 330 -7.36 17.83 23.92
N GLY B 24 4.69 -12.79 1.67
CA GLY B 24 3.80 -13.05 0.56
C GLY B 24 2.46 -13.67 0.96
N SER B 25 1.79 -14.29 -0.01
CA SER B 25 0.43 -14.78 0.19
C SER B 25 0.37 -16.21 0.71
N GLY B 26 1.41 -17.01 0.49
CA GLY B 26 1.31 -18.43 0.75
C GLY B 26 2.17 -18.84 1.92
N LEU B 27 2.72 -20.05 1.85
CA LEU B 27 3.61 -20.52 2.90
C LEU B 27 4.94 -19.76 2.85
N PRO B 28 5.65 -19.70 3.98
CA PRO B 28 7.04 -19.20 3.94
C PRO B 28 7.84 -20.05 2.97
N PHE B 29 8.78 -19.43 2.26
CA PHE B 29 9.30 -20.13 1.09
C PHE B 29 10.13 -21.35 1.47
N LEU B 30 10.70 -21.39 2.69
CA LEU B 30 11.33 -22.62 3.17
C LEU B 30 10.33 -23.76 3.18
N VAL B 31 9.11 -23.49 3.65
CA VAL B 31 8.08 -24.53 3.69
C VAL B 31 7.63 -24.87 2.28
N GLN B 32 7.57 -23.86 1.40
CA GLN B 32 7.06 -24.07 0.05
C GLN B 32 7.79 -25.20 -0.67
N ARG B 33 9.12 -25.23 -0.57
CA ARG B 33 9.89 -26.23 -1.28
C ARG B 33 9.49 -27.64 -0.85
N THR B 34 9.31 -27.84 0.46
CA THR B 34 8.97 -29.16 0.97
C THR B 34 7.56 -29.58 0.60
N VAL B 35 6.66 -28.63 0.35
CA VAL B 35 5.29 -28.98 0.00
C VAL B 35 5.26 -29.79 -1.27
N ALA B 36 6.00 -29.35 -2.29
CA ALA B 36 5.93 -30.00 -3.60
C ALA B 36 6.37 -31.46 -3.51
N ARG B 37 7.44 -31.74 -2.76
CA ARG B 37 7.86 -33.12 -2.62
C ARG B 37 6.85 -33.93 -1.82
N GLN B 38 6.10 -33.29 -0.94
CA GLN B 38 5.15 -33.97 -0.06
C GLN B 38 3.80 -34.19 -0.72
N ILE B 39 3.61 -33.75 -1.95
CA ILE B 39 2.32 -33.87 -2.62
C ILE B 39 2.28 -35.14 -3.46
N THR B 40 1.19 -35.88 -3.35
CA THR B 40 0.86 -36.95 -4.27
C THR B 40 -0.32 -36.50 -5.12
N LEU B 41 -0.24 -36.72 -6.42
CA LEU B 41 -1.27 -36.31 -7.35
C LEU B 41 -2.33 -37.40 -7.44
N LEU B 42 -3.59 -37.00 -7.29
CA LEU B 42 -4.66 -37.97 -7.12
C LEU B 42 -5.57 -38.11 -8.34
N GLU B 43 -6.04 -37.01 -8.91
CA GLU B 43 -6.83 -37.08 -10.14
C GLU B 43 -6.63 -35.80 -10.92
N CYS B 44 -6.55 -35.93 -12.24
CA CYS B 44 -6.44 -34.77 -13.11
C CYS B 44 -7.83 -34.19 -13.34
N VAL B 45 -8.03 -32.93 -12.98
CA VAL B 45 -9.34 -32.30 -13.07
C VAL B 45 -9.43 -31.30 -14.20
N GLY B 46 -8.37 -31.10 -14.95
CA GLY B 46 -8.41 -30.19 -16.07
C GLY B 46 -7.16 -30.34 -16.90
N LYS B 47 -7.31 -30.34 -18.22
CA LYS B 47 -6.15 -30.45 -19.09
C LYS B 47 -6.42 -29.63 -20.34
N GLY B 48 -5.45 -28.82 -20.73
CA GLY B 48 -5.62 -27.99 -21.91
C GLY B 48 -4.30 -27.40 -22.35
N ARG B 49 -4.39 -26.33 -23.13
CA ARG B 49 -3.17 -25.69 -23.64
C ARG B 49 -2.37 -25.09 -22.50
N TYR B 50 -3.02 -24.74 -21.40
CA TYR B 50 -2.34 -24.19 -20.23
C TYR B 50 -1.50 -25.23 -19.48
N GLY B 51 -1.69 -26.52 -19.75
CA GLY B 51 -1.09 -27.60 -18.99
C GLY B 51 -2.14 -28.48 -18.37
N GLU B 52 -2.00 -28.76 -17.09
CA GLU B 52 -2.89 -29.65 -16.35
C GLU B 52 -3.17 -29.10 -14.96
N VAL B 53 -4.37 -29.37 -14.46
CA VAL B 53 -4.71 -29.13 -13.05
C VAL B 53 -5.07 -30.47 -12.42
N TRP B 54 -4.48 -30.73 -11.25
CA TRP B 54 -4.68 -31.96 -10.52
C TRP B 54 -5.28 -31.65 -9.16
N ARG B 55 -6.13 -32.55 -8.68
CA ARG B 55 -6.37 -32.65 -7.25
C ARG B 55 -5.21 -33.43 -6.63
N GLY B 56 -4.47 -32.79 -5.73
CA GLY B 56 -3.38 -33.43 -5.04
C GLY B 56 -3.67 -33.51 -3.54
N SER B 57 -2.85 -34.28 -2.85
CA SER B 57 -2.94 -34.39 -1.40
C SER B 57 -1.61 -33.95 -0.80
N TRP B 58 -1.68 -33.01 0.14
CA TRP B 58 -0.52 -32.56 0.89
C TRP B 58 -0.83 -32.85 2.35
N GLN B 59 -0.12 -33.82 2.93
CA GLN B 59 -0.37 -34.24 4.30
C GLN B 59 -1.85 -34.57 4.51
N GLY B 60 -2.43 -35.25 3.53
CA GLY B 60 -3.81 -35.69 3.62
C GLY B 60 -4.86 -34.66 3.28
N GLU B 61 -4.46 -33.46 2.90
CA GLU B 61 -5.38 -32.38 2.57
C GLU B 61 -5.35 -32.12 1.07
N ASN B 62 -6.52 -31.88 0.50
CA ASN B 62 -6.62 -31.56 -0.92
C ASN B 62 -5.97 -30.22 -1.21
N VAL B 63 -5.21 -30.18 -2.31
CA VAL B 63 -4.68 -28.97 -2.90
C VAL B 63 -4.92 -29.08 -4.41
N ALA B 64 -5.00 -27.94 -5.07
CA ALA B 64 -5.04 -27.88 -6.52
C ALA B 64 -3.61 -27.65 -7.00
N VAL B 65 -3.15 -28.48 -7.94
CA VAL B 65 -1.81 -28.36 -8.48
C VAL B 65 -1.97 -28.08 -9.96
N LYS B 66 -1.54 -26.90 -10.39
CA LYS B 66 -1.48 -26.60 -11.81
C LYS B 66 -0.05 -26.85 -12.28
N ILE B 67 0.09 -27.75 -13.26
CA ILE B 67 1.35 -28.08 -13.90
C ILE B 67 1.34 -27.37 -15.24
N PHE B 68 2.21 -26.37 -15.40
CA PHE B 68 2.15 -25.48 -16.55
C PHE B 68 2.78 -26.12 -17.79
N SER B 69 2.15 -25.90 -18.93
CA SER B 69 2.78 -26.18 -20.21
C SER B 69 3.99 -25.28 -20.43
N SER B 70 4.93 -25.76 -21.25
CA SER B 70 6.06 -24.91 -21.62
C SER B 70 5.57 -23.60 -22.24
N ARG B 71 4.47 -23.66 -23.00
CA ARG B 71 3.97 -22.47 -23.69
C ARG B 71 3.66 -21.35 -22.70
N ASP B 72 3.15 -21.70 -21.52
CA ASP B 72 2.74 -20.74 -20.51
C ASP B 72 3.75 -20.60 -19.38
N GLU B 73 5.01 -21.00 -19.59
CA GLU B 73 5.98 -20.96 -18.50
C GLU B 73 6.12 -19.55 -17.95
N LYS B 74 6.06 -18.53 -18.81
CA LYS B 74 6.25 -17.19 -18.25
C LYS B 74 5.10 -16.80 -17.34
N SER B 75 3.90 -17.31 -17.62
CA SER B 75 2.76 -17.02 -16.73
C SER B 75 2.94 -17.68 -15.37
N TRP B 76 3.51 -18.89 -15.33
CA TRP B 76 3.87 -19.49 -14.05
C TRP B 76 4.76 -18.54 -13.26
N PHE B 77 5.79 -18.00 -13.91
CA PHE B 77 6.73 -17.18 -13.17
C PHE B 77 6.07 -15.91 -12.64
N ARG B 78 5.33 -15.23 -13.50
CA ARG B 78 4.68 -13.97 -13.11
C ARG B 78 3.67 -14.20 -12.00
N GLU B 79 2.84 -15.24 -12.14
CA GLU B 79 1.88 -15.56 -11.08
C GLU B 79 2.58 -15.90 -9.78
N THR B 80 3.63 -16.73 -9.87
CA THR B 80 4.40 -17.10 -8.70
C THR B 80 4.95 -15.86 -8.01
N GLU B 81 5.54 -14.94 -8.76
CA GLU B 81 6.19 -13.81 -8.11
C GLU B 81 5.16 -12.83 -7.56
N LEU B 82 4.00 -12.72 -8.20
N LEU B 82 4.00 -12.72 -8.20
CA LEU B 82 2.95 -11.86 -7.67
CA LEU B 82 2.94 -11.86 -7.67
C LEU B 82 2.48 -12.35 -6.30
C LEU B 82 2.49 -12.36 -6.31
N TYR B 83 2.13 -13.63 -6.21
CA TYR B 83 1.67 -14.18 -4.94
C TYR B 83 2.76 -14.15 -3.88
N ASN B 84 4.01 -14.37 -4.27
CA ASN B 84 5.07 -14.37 -3.28
C ASN B 84 5.45 -12.97 -2.81
N THR B 85 5.14 -11.92 -3.57
CA THR B 85 5.57 -10.59 -3.16
C THR B 85 4.42 -9.69 -2.73
N VAL B 86 3.18 -10.04 -3.03
CA VAL B 86 2.03 -9.25 -2.65
C VAL B 86 1.16 -10.06 -1.69
N MET B 87 0.81 -9.47 -0.55
CA MET B 87 -0.08 -10.09 0.42
C MET B 87 -1.46 -10.09 -0.20
N LEU B 88 -1.77 -11.17 -0.91
CA LEU B 88 -3.01 -11.28 -1.66
C LEU B 88 -3.84 -12.40 -1.06
N ARG B 89 -4.31 -12.19 0.16
CA ARG B 89 -5.22 -13.09 0.85
C ARG B 89 -6.56 -12.39 0.92
N HIS B 90 -7.55 -12.94 0.26
CA HIS B 90 -8.88 -12.37 0.20
C HIS B 90 -9.81 -13.54 -0.10
N GLU B 91 -10.97 -13.55 0.56
CA GLU B 91 -11.87 -14.69 0.40
C GLU B 91 -12.30 -14.89 -1.05
N ASN B 92 -12.14 -13.87 -1.92
CA ASN B 92 -12.61 -13.98 -3.29
C ASN B 92 -11.45 -13.92 -4.30
N ILE B 93 -10.23 -14.23 -3.86
CA ILE B 93 -9.10 -14.51 -4.73
C ILE B 93 -8.55 -15.89 -4.36
N LEU B 94 -8.23 -16.69 -5.38
CA LEU B 94 -7.73 -18.04 -5.14
C LEU B 94 -6.52 -18.00 -4.21
N GLY B 95 -6.58 -18.81 -3.15
CA GLY B 95 -5.51 -18.90 -2.18
C GLY B 95 -4.28 -19.65 -2.63
N PHE B 96 -3.18 -18.94 -2.74
CA PHE B 96 -1.89 -19.51 -3.08
C PHE B 96 -1.30 -20.24 -1.89
N ILE B 97 -0.70 -21.39 -2.13
CA ILE B 97 0.03 -22.14 -1.11
C ILE B 97 1.53 -22.15 -1.40
N ALA B 98 1.91 -22.53 -2.60
CA ALA B 98 3.32 -22.68 -2.91
C ALA B 98 3.52 -22.76 -4.41
N SER B 99 4.74 -22.49 -4.82
CA SER B 99 5.16 -22.69 -6.19
C SER B 99 6.47 -23.44 -6.15
N ASP B 100 6.68 -24.33 -7.11
CA ASP B 100 7.97 -25.00 -7.16
C ASP B 100 8.31 -25.40 -8.58
N MET B 101 9.61 -25.48 -8.82
CA MET B 101 10.20 -26.10 -9.99
C MET B 101 10.65 -27.45 -9.50
N THR B 102 9.86 -28.48 -9.74
CA THR B 102 10.07 -29.77 -9.10
C THR B 102 10.48 -30.81 -10.13
N SER B 103 11.37 -31.71 -9.71
CA SER B 103 11.74 -32.86 -10.51
C SER B 103 10.69 -33.95 -10.28
N ARG B 104 10.02 -34.34 -11.36
CA ARG B 104 8.98 -35.37 -11.32
C ARG B 104 9.09 -36.18 -12.60
N HIS B 105 9.35 -37.48 -12.45
CA HIS B 105 9.54 -38.38 -13.60
C HIS B 105 10.69 -37.91 -14.48
N SER B 106 11.80 -37.54 -13.83
CA SER B 106 13.00 -37.08 -14.52
C SER B 106 12.67 -36.00 -15.56
N SER B 107 11.85 -35.05 -15.15
CA SER B 107 11.45 -33.93 -16.01
C SER B 107 11.06 -32.77 -15.12
N THR B 108 11.67 -31.60 -15.37
CA THR B 108 11.42 -30.43 -14.54
C THR B 108 10.07 -29.82 -14.91
N GLN B 109 9.17 -29.76 -13.94
CA GLN B 109 7.84 -29.23 -14.12
C GLN B 109 7.68 -27.94 -13.33
N LEU B 110 6.80 -27.07 -13.82
CA LEU B 110 6.47 -25.82 -13.15
C LEU B 110 5.12 -26.00 -12.47
N TRP B 111 5.13 -26.00 -11.14
CA TRP B 111 3.94 -26.26 -10.35
C TRP B 111 3.47 -25.02 -9.62
N LEU B 112 2.17 -24.80 -9.65
CA LEU B 112 1.52 -23.79 -8.83
C LEU B 112 0.51 -24.49 -7.95
N ILE B 113 0.62 -24.34 -6.64
CA ILE B 113 -0.17 -25.09 -5.68
C ILE B 113 -1.09 -24.13 -4.94
N THR B 114 -2.41 -24.42 -4.96
CA THR B 114 -3.38 -23.52 -4.35
C THR B 114 -4.42 -24.29 -3.58
N HIS B 115 -5.28 -23.56 -2.88
N HIS B 115 -5.28 -23.57 -2.85
CA HIS B 115 -6.45 -24.18 -2.27
CA HIS B 115 -6.43 -24.23 -2.23
C HIS B 115 -7.24 -24.95 -3.33
C HIS B 115 -7.23 -24.94 -3.31
N TYR B 116 -7.87 -26.04 -2.91
CA TYR B 116 -8.65 -26.87 -3.81
C TYR B 116 -10.12 -26.56 -3.64
N HIS B 117 -10.76 -26.07 -4.71
CA HIS B 117 -12.20 -25.79 -4.69
C HIS B 117 -12.89 -26.91 -5.44
N GLU B 118 -13.49 -27.82 -4.67
CA GLU B 118 -13.98 -29.07 -5.23
CA GLU B 118 -13.97 -29.07 -5.24
C GLU B 118 -15.04 -28.84 -6.30
N MET B 119 -15.76 -27.72 -6.24
CA MET B 119 -16.83 -27.50 -7.21
C MET B 119 -16.29 -27.01 -8.57
N GLY B 120 -15.03 -26.62 -8.65
CA GLY B 120 -14.44 -26.29 -9.93
C GLY B 120 -14.86 -24.93 -10.44
N SER B 121 -14.76 -24.78 -11.75
CA SER B 121 -14.91 -23.46 -12.34
C SER B 121 -16.37 -23.04 -12.40
N LEU B 122 -16.57 -21.73 -12.38
CA LEU B 122 -17.90 -21.16 -12.63
C LEU B 122 -18.44 -21.57 -13.99
N TYR B 123 -17.55 -21.62 -15.00
CA TYR B 123 -17.95 -22.08 -16.33
C TYR B 123 -18.62 -23.45 -16.25
N ASP B 124 -18.00 -24.40 -15.54
CA ASP B 124 -18.59 -25.74 -15.49
C ASP B 124 -19.84 -25.77 -14.59
N TYR B 125 -19.76 -25.09 -13.45
CA TYR B 125 -20.87 -25.06 -12.49
C TYR B 125 -22.14 -24.54 -13.14
N LEU B 126 -22.04 -23.45 -13.90
CA LEU B 126 -23.24 -22.87 -14.50
C LEU B 126 -23.92 -23.83 -15.48
N GLN B 127 -23.16 -24.78 -16.02
CA GLN B 127 -23.76 -25.73 -16.95
C GLN B 127 -24.44 -26.88 -16.22
N LEU B 128 -24.20 -27.05 -14.92
CA LEU B 128 -24.80 -28.14 -14.17
C LEU B 128 -26.07 -27.77 -13.42
N THR B 129 -26.26 -26.48 -13.14
CA THR B 129 -27.35 -26.09 -12.26
C THR B 129 -27.83 -24.71 -12.63
N THR B 130 -29.06 -24.42 -12.23
CA THR B 130 -29.61 -23.08 -12.26
C THR B 130 -29.42 -22.45 -10.88
N LEU B 131 -29.79 -21.18 -10.76
CA LEU B 131 -29.58 -20.43 -9.54
C LEU B 131 -30.89 -19.78 -9.10
N ASP B 132 -31.05 -19.58 -7.80
CA ASP B 132 -32.09 -18.69 -7.31
C ASP B 132 -31.49 -17.31 -7.07
N THR B 133 -32.31 -16.40 -6.55
CA THR B 133 -31.89 -15.00 -6.41
C THR B 133 -30.73 -14.87 -5.43
N VAL B 134 -30.85 -15.50 -4.27
CA VAL B 134 -29.76 -15.45 -3.30
C VAL B 134 -28.47 -15.99 -3.91
N SER B 135 -28.56 -17.15 -4.58
CA SER B 135 -27.33 -17.76 -5.11
C SER B 135 -26.71 -16.90 -6.20
N CYS B 136 -27.53 -16.38 -7.11
CA CYS B 136 -27.02 -15.51 -8.16
C CYS B 136 -26.32 -14.31 -7.57
N LEU B 137 -26.97 -13.62 -6.63
CA LEU B 137 -26.37 -12.41 -6.09
C LEU B 137 -25.06 -12.71 -5.35
N ARG B 138 -25.01 -13.82 -4.60
CA ARG B 138 -23.79 -14.13 -3.87
C ARG B 138 -22.64 -14.40 -4.83
N ILE B 139 -22.92 -15.04 -5.97
CA ILE B 139 -21.89 -15.26 -6.96
C ILE B 139 -21.36 -13.93 -7.49
N VAL B 140 -22.26 -13.06 -7.96
CA VAL B 140 -21.77 -11.90 -8.68
C VAL B 140 -21.18 -10.88 -7.71
N LEU B 141 -21.75 -10.76 -6.52
CA LEU B 141 -21.17 -9.85 -5.54
C LEU B 141 -19.78 -10.31 -5.13
N SER B 142 -19.59 -11.63 -5.00
CA SER B 142 -18.30 -12.12 -4.55
C SER B 142 -17.22 -11.93 -5.62
N ILE B 143 -17.57 -12.07 -6.89
CA ILE B 143 -16.63 -11.76 -7.96
C ILE B 143 -16.28 -10.28 -7.93
N ALA B 144 -17.30 -9.43 -7.79
CA ALA B 144 -17.07 -7.99 -7.75
C ALA B 144 -16.20 -7.60 -6.57
N SER B 145 -16.39 -8.26 -5.43
CA SER B 145 -15.57 -7.97 -4.26
C SER B 145 -14.12 -8.36 -4.49
N GLY B 146 -13.89 -9.55 -5.07
CA GLY B 146 -12.53 -9.94 -5.42
C GLY B 146 -11.91 -9.01 -6.44
N LEU B 147 -12.67 -8.62 -7.46
CA LEU B 147 -12.15 -7.73 -8.48
C LEU B 147 -11.82 -6.36 -7.88
N ALA B 148 -12.70 -5.83 -7.03
CA ALA B 148 -12.40 -4.57 -6.38
C ALA B 148 -11.14 -4.69 -5.53
N HIS B 149 -10.96 -5.84 -4.86
CA HIS B 149 -9.77 -5.97 -4.05
C HIS B 149 -8.53 -6.06 -4.92
N LEU B 150 -8.62 -6.75 -6.06
CA LEU B 150 -7.47 -6.76 -6.96
C LEU B 150 -7.13 -5.35 -7.42
N HIS B 151 -8.16 -4.57 -7.77
CA HIS B 151 -7.95 -3.28 -8.44
C HIS B 151 -7.42 -2.21 -7.50
N ILE B 152 -7.71 -2.32 -6.22
CA ILE B 152 -7.39 -1.25 -5.29
C ILE B 152 -5.90 -1.25 -4.99
N GLU B 153 -5.30 -0.07 -5.01
CA GLU B 153 -3.95 0.09 -4.52
C GLU B 153 -4.02 0.49 -3.06
N ILE B 154 -3.26 -0.22 -2.22
CA ILE B 154 -3.13 0.12 -0.81
C ILE B 154 -1.66 0.38 -0.57
N PHE B 155 -1.36 1.58 -0.08
CA PHE B 155 0.03 1.91 0.20
C PHE B 155 0.58 1.08 1.36
N GLY B 156 1.85 0.72 1.27
CA GLY B 156 2.63 0.30 2.42
C GLY B 156 2.79 -1.20 2.50
N THR B 157 3.51 -1.64 3.53
CA THR B 157 3.74 -3.07 3.72
C THR B 157 2.46 -3.80 4.13
N GLN B 158 1.45 -3.08 4.59
CA GLN B 158 0.15 -3.66 4.88
C GLN B 158 -0.79 -3.62 3.69
N GLY B 159 -0.32 -3.15 2.53
CA GLY B 159 -1.17 -2.99 1.39
C GLY B 159 -0.81 -3.84 0.19
N LYS B 160 -0.93 -3.26 -1.00
CA LYS B 160 -0.74 -4.01 -2.23
C LYS B 160 -0.74 -3.07 -3.41
N PRO B 161 -0.02 -3.38 -4.48
CA PRO B 161 -0.20 -2.62 -5.73
C PRO B 161 -1.58 -2.87 -6.30
N ALA B 162 -2.07 -1.90 -7.06
CA ALA B 162 -3.24 -2.16 -7.90
C ALA B 162 -2.91 -3.28 -8.88
N ILE B 163 -3.89 -4.14 -9.17
CA ILE B 163 -3.69 -5.28 -10.06
C ILE B 163 -4.85 -5.33 -11.04
N ALA B 164 -4.54 -5.35 -12.33
CA ALA B 164 -5.53 -5.63 -13.37
C ALA B 164 -5.35 -7.07 -13.85
N HIS B 165 -6.46 -7.80 -13.96
CA HIS B 165 -6.40 -9.24 -14.19
C HIS B 165 -6.01 -9.56 -15.62
N ARG B 166 -6.67 -8.92 -16.59
CA ARG B 166 -6.47 -9.06 -18.02
C ARG B 166 -6.97 -10.37 -18.63
N ASP B 167 -7.55 -11.28 -17.85
CA ASP B 167 -8.18 -12.44 -18.49
C ASP B 167 -9.33 -12.94 -17.64
N LEU B 168 -10.16 -12.03 -17.17
CA LEU B 168 -11.32 -12.40 -16.37
C LEU B 168 -12.37 -13.06 -17.26
N LYS B 169 -12.84 -14.22 -16.81
CA LYS B 169 -13.87 -14.97 -17.52
C LYS B 169 -14.31 -16.11 -16.60
N SER B 170 -15.39 -16.79 -17.01
CA SER B 170 -15.98 -17.79 -16.14
C SER B 170 -15.06 -18.99 -15.95
N LYS B 171 -14.18 -19.29 -16.92
CA LYS B 171 -13.22 -20.38 -16.73
C LYS B 171 -12.13 -20.01 -15.74
N ASN B 172 -11.96 -18.73 -15.43
CA ASN B 172 -10.94 -18.28 -14.47
C ASN B 172 -11.55 -17.84 -13.15
N ILE B 173 -12.75 -18.33 -12.84
CA ILE B 173 -13.42 -18.11 -11.57
C ILE B 173 -13.78 -19.48 -11.02
N LEU B 174 -13.48 -19.70 -9.73
CA LEU B 174 -13.79 -20.95 -9.05
C LEU B 174 -14.91 -20.70 -8.05
N VAL B 175 -15.79 -21.70 -7.89
CA VAL B 175 -16.92 -21.61 -6.98
C VAL B 175 -16.59 -22.32 -5.68
N LYS B 176 -17.04 -21.74 -4.57
CA LYS B 176 -16.87 -22.34 -3.25
C LYS B 176 -18.17 -22.97 -2.75
N LYS B 177 -18.03 -23.89 -1.79
CA LYS B 177 -19.22 -24.58 -1.28
C LYS B 177 -20.21 -23.58 -0.70
N ASN B 178 -19.73 -22.47 -0.14
CA ASN B 178 -20.63 -21.50 0.48
C ASN B 178 -21.31 -20.60 -0.54
N GLY B 179 -21.10 -20.81 -1.83
CA GLY B 179 -21.77 -20.05 -2.86
C GLY B 179 -21.06 -18.81 -3.31
N GLN B 180 -20.00 -18.40 -2.63
CA GLN B 180 -19.16 -17.34 -3.15
C GLN B 180 -18.18 -17.91 -4.16
N CYS B 181 -17.56 -17.02 -4.92
CA CYS B 181 -16.57 -17.40 -5.90
C CYS B 181 -15.23 -16.81 -5.53
N CYS B 182 -14.20 -17.23 -6.24
CA CYS B 182 -12.91 -16.59 -6.10
C CYS B 182 -12.26 -16.51 -7.48
N ILE B 183 -11.55 -15.42 -7.69
CA ILE B 183 -10.93 -15.15 -8.97
C ILE B 183 -9.58 -15.85 -9.03
N ALA B 184 -9.30 -16.47 -10.17
CA ALA B 184 -8.11 -17.27 -10.36
C ALA B 184 -7.32 -16.82 -11.58
N ASP B 185 -6.09 -17.31 -11.64
CA ASP B 185 -5.18 -17.22 -12.78
C ASP B 185 -4.66 -15.81 -12.99
N LEU B 186 -3.59 -15.46 -12.29
CA LEU B 186 -3.05 -14.11 -12.30
C LEU B 186 -1.81 -13.98 -13.17
N GLY B 187 -1.62 -14.92 -14.10
CA GLY B 187 -0.40 -14.98 -14.89
C GLY B 187 -0.28 -13.91 -15.95
N LEU B 188 -1.39 -13.31 -16.35
CA LEU B 188 -1.36 -12.19 -17.27
C LEU B 188 -1.56 -10.87 -16.56
N ALA B 189 -1.72 -10.87 -15.25
CA ALA B 189 -2.06 -9.66 -14.53
C ALA B 189 -0.96 -8.62 -14.66
N VAL B 190 -1.37 -7.35 -14.61
CA VAL B 190 -0.46 -6.22 -14.60
CA VAL B 190 -0.44 -6.22 -14.59
C VAL B 190 -0.65 -5.47 -13.29
N MET B 191 0.46 -5.03 -12.70
CA MET B 191 0.47 -4.33 -11.43
C MET B 191 0.89 -2.89 -11.62
N HIS B 192 0.43 -2.02 -10.70
CA HIS B 192 0.76 -0.61 -10.72
C HIS B 192 0.93 -0.11 -9.29
N SER B 193 2.02 0.60 -9.04
CA SER B 193 2.15 1.42 -7.83
C SER B 193 2.77 2.76 -8.24
N GLN B 194 3.05 3.59 -7.24
CA GLN B 194 3.76 4.85 -7.49
C GLN B 194 5.27 4.66 -7.60
N SER B 195 5.76 3.42 -7.62
CA SER B 195 7.19 3.18 -7.55
C SER B 195 7.85 3.03 -8.91
N THR B 196 7.11 2.55 -9.91
CA THR B 196 7.69 2.09 -11.17
C THR B 196 7.25 2.90 -12.38
N ASN B 197 5.94 3.10 -12.56
CA ASN B 197 5.41 3.89 -13.66
C ASN B 197 5.44 3.13 -14.99
N GLN B 198 6.46 2.32 -15.21
CA GLN B 198 6.48 1.42 -16.36
C GLN B 198 5.68 0.16 -16.04
N LEU B 199 4.87 -0.29 -17.00
CA LEU B 199 4.00 -1.43 -16.80
C LEU B 199 4.59 -2.67 -17.46
N ASP B 200 4.40 -3.83 -16.81
CA ASP B 200 4.88 -5.11 -17.33
C ASP B 200 3.75 -5.70 -18.18
N VAL B 201 3.56 -5.14 -19.37
CA VAL B 201 2.42 -5.46 -20.22
C VAL B 201 2.77 -6.27 -21.46
N GLY B 202 3.92 -6.00 -22.08
CA GLY B 202 4.22 -6.57 -23.38
C GLY B 202 3.64 -5.76 -24.51
N ASN B 203 4.20 -5.94 -25.70
CA ASN B 203 3.82 -5.10 -26.83
C ASN B 203 2.52 -5.56 -27.48
N ASN B 204 2.25 -6.85 -27.50
CA ASN B 204 0.97 -7.33 -27.98
C ASN B 204 -0.10 -6.97 -26.96
N PRO B 205 -1.06 -6.10 -27.30
CA PRO B 205 -2.14 -5.80 -26.36
C PRO B 205 -3.12 -6.95 -26.19
N ARG B 206 -3.20 -7.85 -27.16
CA ARG B 206 -4.31 -8.78 -27.27
C ARG B 206 -3.93 -10.12 -26.64
N VAL B 207 -3.83 -10.11 -25.32
CA VAL B 207 -3.26 -11.25 -24.59
C VAL B 207 -4.30 -12.20 -24.02
N GLY B 208 -5.51 -11.73 -23.77
CA GLY B 208 -6.50 -12.54 -23.09
C GLY B 208 -7.23 -13.52 -23.98
N THR B 209 -8.48 -13.77 -23.64
CA THR B 209 -9.39 -14.62 -24.40
C THR B 209 -10.20 -13.71 -25.34
N LYS B 210 -10.17 -14.01 -26.63
CA LYS B 210 -10.71 -13.07 -27.62
C LYS B 210 -12.18 -12.77 -27.37
N ARG B 211 -12.98 -13.80 -27.08
CA ARG B 211 -14.40 -13.62 -26.84
C ARG B 211 -14.68 -12.57 -25.77
N TYR B 212 -13.77 -12.41 -24.81
CA TYR B 212 -14.01 -11.50 -23.71
C TYR B 212 -13.28 -10.16 -23.86
N MET B 213 -12.56 -9.97 -24.96
CA MET B 213 -11.75 -8.76 -25.12
C MET B 213 -12.59 -7.53 -25.33
N ALA B 214 -12.22 -6.44 -24.62
CA ALA B 214 -12.90 -5.17 -24.78
C ALA B 214 -12.66 -4.60 -26.17
N PRO B 215 -13.55 -3.72 -26.65
CA PRO B 215 -13.36 -3.20 -28.00
C PRO B 215 -12.01 -2.55 -28.21
N GLU B 216 -11.53 -1.81 -27.21
CA GLU B 216 -10.27 -1.08 -27.34
C GLU B 216 -9.07 -2.00 -27.37
N VAL B 217 -9.19 -3.23 -26.84
CA VAL B 217 -8.14 -4.23 -27.04
C VAL B 217 -8.20 -4.78 -28.45
N LEU B 218 -9.40 -5.18 -28.88
CA LEU B 218 -9.57 -5.78 -30.20
C LEU B 218 -9.13 -4.84 -31.32
N ASP B 219 -9.40 -3.54 -31.20
CA ASP B 219 -8.95 -2.61 -32.23
C ASP B 219 -7.63 -1.95 -31.87
N GLU B 220 -7.03 -2.34 -30.74
CA GLU B 220 -5.68 -1.93 -30.36
C GLU B 220 -5.53 -0.42 -30.26
N THR B 221 -6.60 0.26 -29.87
CA THR B 221 -6.55 1.68 -29.57
C THR B 221 -6.35 1.93 -28.08
N ILE B 222 -6.32 0.87 -27.27
CA ILE B 222 -6.10 1.03 -25.84
C ILE B 222 -4.77 1.72 -25.59
N GLN B 223 -4.74 2.58 -24.58
CA GLN B 223 -3.54 3.33 -24.20
C GLN B 223 -2.67 2.41 -23.34
N VAL B 224 -1.62 1.85 -23.94
CA VAL B 224 -0.94 0.73 -23.32
C VAL B 224 -0.18 1.15 -22.07
N ASP B 225 0.11 2.43 -21.90
CA ASP B 225 0.85 2.92 -20.73
C ASP B 225 -0.06 3.52 -19.67
N CYS B 226 -1.37 3.39 -19.81
CA CYS B 226 -2.34 3.94 -18.85
C CYS B 226 -2.90 2.77 -18.04
N PHE B 227 -2.51 2.69 -16.76
CA PHE B 227 -2.94 1.55 -15.95
C PHE B 227 -4.47 1.47 -15.87
N ASP B 228 -5.14 2.62 -15.69
CA ASP B 228 -6.60 2.61 -15.58
C ASP B 228 -7.26 1.91 -16.76
N SER B 229 -6.64 1.99 -17.94
CA SER B 229 -7.19 1.32 -19.12
C SER B 229 -7.33 -0.18 -18.89
N TYR B 230 -6.38 -0.79 -18.18
CA TYR B 230 -6.48 -2.22 -17.96
C TYR B 230 -7.59 -2.56 -16.97
N LYS B 231 -7.81 -1.70 -15.97
CA LYS B 231 -8.94 -1.93 -15.07
C LYS B 231 -10.25 -1.91 -15.84
N ARG B 232 -10.40 -0.96 -16.78
CA ARG B 232 -11.63 -0.88 -17.53
C ARG B 232 -11.82 -2.09 -18.44
N VAL B 233 -10.74 -2.69 -18.90
CA VAL B 233 -10.85 -3.91 -19.69
C VAL B 233 -11.38 -5.04 -18.82
N ASP B 234 -10.96 -5.08 -17.55
CA ASP B 234 -11.54 -6.08 -16.62
C ASP B 234 -13.04 -5.87 -16.46
N ILE B 235 -13.48 -4.59 -16.40
CA ILE B 235 -14.89 -4.30 -16.14
C ILE B 235 -15.76 -4.76 -17.31
N TRP B 236 -15.30 -4.52 -18.53
CA TRP B 236 -15.98 -5.08 -19.70
C TRP B 236 -16.17 -6.58 -19.55
N ALA B 237 -15.10 -7.30 -19.21
CA ALA B 237 -15.18 -8.75 -19.06
C ALA B 237 -16.11 -9.13 -17.92
N PHE B 238 -16.04 -8.40 -16.80
CA PHE B 238 -16.97 -8.66 -15.71
C PHE B 238 -18.41 -8.54 -16.19
N GLY B 239 -18.70 -7.53 -17.01
CA GLY B 239 -20.04 -7.41 -17.54
C GLY B 239 -20.51 -8.66 -18.26
N LEU B 240 -19.63 -9.26 -19.06
CA LEU B 240 -19.99 -10.47 -19.78
C LEU B 240 -20.22 -11.64 -18.84
N VAL B 241 -19.41 -11.76 -17.79
CA VAL B 241 -19.61 -12.81 -16.80
C VAL B 241 -20.93 -12.62 -16.07
N LEU B 242 -21.25 -11.38 -15.73
CA LEU B 242 -22.56 -11.10 -15.12
C LEU B 242 -23.68 -11.65 -15.99
N TRP B 243 -23.59 -11.41 -17.30
CA TRP B 243 -24.61 -11.91 -18.22
C TRP B 243 -24.64 -13.42 -18.24
N GLU B 244 -23.46 -14.06 -18.24
CA GLU B 244 -23.42 -15.51 -18.20
C GLU B 244 -24.16 -16.06 -16.98
N VAL B 245 -23.91 -15.47 -15.82
CA VAL B 245 -24.50 -15.95 -14.57
C VAL B 245 -25.99 -15.67 -14.55
N ALA B 246 -26.38 -14.45 -14.94
CA ALA B 246 -27.77 -14.02 -14.80
C ALA B 246 -28.70 -14.90 -15.63
N ARG B 247 -28.24 -15.35 -16.79
CA ARG B 247 -29.02 -16.25 -17.62
C ARG B 247 -29.47 -17.49 -16.86
N ARG B 248 -28.69 -17.92 -15.86
CA ARG B 248 -28.95 -19.15 -15.14
C ARG B 248 -29.78 -18.94 -13.89
N MET B 249 -30.13 -17.71 -13.55
CA MET B 249 -31.06 -17.45 -12.45
C MET B 249 -32.48 -17.72 -12.91
N VAL B 250 -33.21 -18.54 -12.15
CA VAL B 250 -34.61 -18.81 -12.42
C VAL B 250 -35.44 -17.62 -11.95
N SER B 251 -36.42 -17.22 -12.76
CA SER B 251 -37.39 -16.20 -12.39
C SER B 251 -38.72 -16.67 -12.94
N ASN B 252 -39.76 -16.63 -12.11
CA ASN B 252 -41.10 -17.06 -12.50
C ASN B 252 -41.08 -18.35 -13.32
N GLY B 253 -40.28 -19.31 -12.89
CA GLY B 253 -40.23 -20.61 -13.54
C GLY B 253 -39.40 -20.67 -14.80
N ILE B 254 -38.75 -19.57 -15.19
CA ILE B 254 -38.07 -19.45 -16.47
C ILE B 254 -36.57 -19.37 -16.23
N VAL B 255 -35.79 -19.99 -17.13
CA VAL B 255 -34.32 -19.88 -17.11
C VAL B 255 -33.82 -20.09 -18.54
N GLU B 256 -32.63 -19.55 -18.83
CA GLU B 256 -31.96 -19.78 -20.09
C GLU B 256 -30.87 -20.84 -19.93
N ASP B 257 -30.60 -21.57 -21.02
CA ASP B 257 -29.46 -22.49 -21.03
C ASP B 257 -28.15 -21.72 -20.93
N TYR B 258 -27.09 -22.41 -20.51
CA TYR B 258 -25.79 -21.76 -20.47
C TYR B 258 -25.29 -21.48 -21.88
N LYS B 259 -24.80 -20.28 -22.11
CA LYS B 259 -24.14 -19.91 -23.35
C LYS B 259 -22.98 -18.97 -23.04
N PRO B 260 -21.88 -19.06 -23.77
CA PRO B 260 -20.82 -18.06 -23.65
C PRO B 260 -21.23 -16.76 -24.32
N PRO B 261 -20.66 -15.65 -23.89
CA PRO B 261 -21.01 -14.36 -24.53
C PRO B 261 -20.74 -14.38 -26.03
N PHE B 262 -21.68 -13.81 -26.78
CA PHE B 262 -21.61 -13.67 -28.24
C PHE B 262 -21.76 -15.00 -28.95
N TYR B 263 -22.30 -16.03 -28.27
CA TYR B 263 -22.44 -17.35 -28.87
C TYR B 263 -23.25 -17.31 -30.16
N ASP B 264 -24.10 -16.30 -30.33
CA ASP B 264 -25.04 -16.26 -31.45
C ASP B 264 -24.51 -15.51 -32.67
N VAL B 265 -23.34 -14.90 -32.58
CA VAL B 265 -22.86 -14.08 -33.69
C VAL B 265 -21.45 -14.43 -34.10
N VAL B 266 -20.74 -15.19 -33.27
CA VAL B 266 -19.40 -15.64 -33.64
C VAL B 266 -19.28 -17.15 -33.43
N PRO B 267 -18.42 -17.82 -34.23
CA PRO B 267 -18.21 -19.26 -34.03
C PRO B 267 -17.38 -19.58 -32.80
N ASN B 268 -17.19 -20.86 -32.50
CA ASN B 268 -16.24 -21.26 -31.50
C ASN B 268 -14.82 -20.88 -31.94
N ASP B 269 -13.96 -20.65 -30.96
CA ASP B 269 -12.60 -20.17 -31.20
C ASP B 269 -12.64 -19.03 -32.22
N PRO B 270 -13.35 -17.94 -31.93
CA PRO B 270 -13.48 -16.85 -32.92
C PRO B 270 -12.14 -16.21 -33.23
N SER B 271 -12.03 -15.67 -34.44
CA SER B 271 -10.84 -14.94 -34.83
C SER B 271 -10.88 -13.52 -34.26
N PHE B 272 -9.72 -12.86 -34.31
CA PHE B 272 -9.68 -11.44 -33.98
C PHE B 272 -10.64 -10.65 -34.87
N GLU B 273 -10.69 -10.97 -36.17
CA GLU B 273 -11.56 -10.25 -37.09
C GLU B 273 -13.02 -10.47 -36.74
N ASP B 274 -13.40 -11.71 -36.43
CA ASP B 274 -14.77 -11.99 -36.01
C ASP B 274 -15.16 -11.08 -34.86
N MET B 275 -14.35 -11.08 -33.79
CA MET B 275 -14.68 -10.33 -32.58
C MET B 275 -14.69 -8.83 -32.87
N ARG B 276 -13.76 -8.36 -33.70
CA ARG B 276 -13.67 -6.93 -34.00
CA ARG B 276 -13.68 -6.93 -33.98
C ARG B 276 -14.93 -6.42 -34.70
N LYS B 277 -15.44 -7.18 -35.66
CA LYS B 277 -16.64 -6.76 -36.39
C LYS B 277 -17.83 -6.63 -35.45
N VAL B 278 -18.05 -7.64 -34.62
CA VAL B 278 -19.21 -7.67 -33.74
C VAL B 278 -19.15 -6.53 -32.73
N VAL B 279 -17.99 -6.35 -32.10
CA VAL B 279 -17.87 -5.52 -30.91
C VAL B 279 -17.41 -4.11 -31.25
N CYS B 280 -16.51 -3.95 -32.21
CA CYS B 280 -16.00 -2.61 -32.51
C CYS B 280 -16.76 -1.94 -33.63
N VAL B 281 -17.07 -2.67 -34.70
CA VAL B 281 -17.68 -2.07 -35.86
C VAL B 281 -19.20 -2.05 -35.74
N ASP B 282 -19.81 -3.18 -35.42
CA ASP B 282 -21.26 -3.25 -35.25
C ASP B 282 -21.70 -2.84 -33.84
N GLN B 283 -20.75 -2.80 -32.90
CA GLN B 283 -20.97 -2.40 -31.50
C GLN B 283 -22.16 -3.14 -30.88
N GLN B 284 -22.20 -4.45 -31.12
CA GLN B 284 -23.20 -5.32 -30.54
C GLN B 284 -22.82 -5.74 -29.12
N ARG B 285 -23.84 -6.14 -28.37
CA ARG B 285 -23.73 -6.61 -27.00
C ARG B 285 -24.59 -7.84 -26.84
N PRO B 286 -24.32 -8.66 -25.82
CA PRO B 286 -25.19 -9.81 -25.54
C PRO B 286 -26.64 -9.37 -25.36
N ASN B 287 -27.56 -10.12 -25.93
CA ASN B 287 -28.97 -9.76 -25.83
C ASN B 287 -29.51 -10.10 -24.44
N ILE B 288 -30.43 -9.26 -23.97
CA ILE B 288 -31.05 -9.41 -22.66
C ILE B 288 -32.38 -10.13 -22.86
N PRO B 289 -32.58 -11.31 -22.25
CA PRO B 289 -33.89 -11.99 -22.39
C PRO B 289 -35.01 -11.12 -21.83
N ASN B 290 -36.14 -11.13 -22.51
CA ASN B 290 -37.22 -10.26 -22.04
C ASN B 290 -37.70 -10.64 -20.65
N ARG B 291 -37.64 -11.94 -20.31
CA ARG B 291 -38.20 -12.39 -19.03
C ARG B 291 -37.45 -11.79 -17.84
N TRP B 292 -36.23 -11.30 -18.04
CA TRP B 292 -35.54 -10.65 -16.93
C TRP B 292 -36.33 -9.44 -16.41
N PHE B 293 -37.10 -8.77 -17.26
CA PHE B 293 -37.78 -7.56 -16.82
C PHE B 293 -39.04 -7.83 -16.01
N SER B 294 -39.36 -9.10 -15.75
CA SER B 294 -40.40 -9.43 -14.79
C SER B 294 -39.83 -9.69 -13.39
N ASP B 295 -38.52 -9.58 -13.22
CA ASP B 295 -37.85 -9.88 -11.96
C ASP B 295 -37.05 -8.68 -11.50
N PRO B 296 -37.29 -8.16 -10.30
CA PRO B 296 -36.51 -7.01 -9.81
C PRO B 296 -35.00 -7.20 -9.85
N THR B 297 -34.50 -8.35 -9.35
CA THR B 297 -33.06 -8.56 -9.35
C THR B 297 -32.49 -8.57 -10.76
N LEU B 298 -33.10 -9.34 -11.67
CA LEU B 298 -32.53 -9.42 -13.01
C LEU B 298 -32.66 -8.11 -13.76
N THR B 299 -33.74 -7.36 -13.54
CA THR B 299 -33.82 -6.01 -14.09
C THR B 299 -32.62 -5.17 -13.62
N SER B 300 -32.29 -5.25 -12.33
CA SER B 300 -31.17 -4.47 -11.80
C SER B 300 -29.83 -4.98 -12.33
N LEU B 301 -29.67 -6.29 -12.49
CA LEU B 301 -28.43 -6.81 -13.03
C LEU B 301 -28.27 -6.42 -14.50
N ALA B 302 -29.37 -6.39 -15.24
CA ALA B 302 -29.34 -5.98 -16.64
C ALA B 302 -28.83 -4.54 -16.78
N LYS B 303 -29.36 -3.65 -15.93
CA LYS B 303 -28.86 -2.28 -15.92
C LYS B 303 -27.38 -2.24 -15.59
N LEU B 304 -26.95 -3.09 -14.66
CA LEU B 304 -25.56 -3.08 -14.23
C LEU B 304 -24.62 -3.58 -15.32
N MET B 305 -24.96 -4.68 -15.98
CA MET B 305 -24.02 -5.17 -16.98
C MET B 305 -23.90 -4.20 -18.14
N LYS B 306 -24.97 -3.47 -18.46
CA LYS B 306 -24.88 -2.48 -19.53
C LYS B 306 -24.00 -1.30 -19.15
N GLU B 307 -23.87 -1.01 -17.86
CA GLU B 307 -22.93 -0.01 -17.38
C GLU B 307 -21.50 -0.53 -17.30
N CYS B 308 -21.30 -1.83 -17.46
CA CYS B 308 -19.97 -2.40 -17.63
C CYS B 308 -19.54 -2.44 -19.08
N TRP B 309 -20.49 -2.34 -20.00
CA TRP B 309 -20.25 -2.56 -21.42
C TRP B 309 -20.19 -1.30 -22.26
N TYR B 310 -20.15 -0.12 -21.66
CA TYR B 310 -20.10 1.09 -22.46
C TYR B 310 -18.95 1.00 -23.46
N GLN B 311 -19.19 1.45 -24.69
CA GLN B 311 -18.12 1.50 -25.69
C GLN B 311 -16.99 2.41 -25.21
N ASN B 312 -17.33 3.54 -24.61
CA ASN B 312 -16.32 4.43 -24.01
C ASN B 312 -15.82 3.84 -22.70
N PRO B 313 -14.52 3.53 -22.58
CA PRO B 313 -14.06 2.87 -21.35
C PRO B 313 -14.21 3.71 -20.09
N SER B 314 -14.16 5.05 -20.19
CA SER B 314 -14.23 5.88 -19.00
C SER B 314 -15.64 5.97 -18.44
N ALA B 315 -16.63 5.58 -19.21
CA ALA B 315 -18.01 5.56 -18.74
C ALA B 315 -18.32 4.32 -17.91
N ARG B 316 -17.52 3.27 -18.03
CA ARG B 316 -17.79 2.03 -17.32
C ARG B 316 -17.68 2.24 -15.81
N LEU B 317 -18.50 1.50 -15.08
CA LEU B 317 -18.43 1.57 -13.63
C LEU B 317 -17.09 1.04 -13.14
N THR B 318 -16.67 1.53 -11.98
CA THR B 318 -15.51 0.94 -11.31
C THR B 318 -15.92 -0.35 -10.62
N ALA B 319 -14.91 -1.18 -10.32
CA ALA B 319 -15.21 -2.40 -9.58
C ALA B 319 -15.82 -2.08 -8.22
N LEU B 320 -15.33 -1.05 -7.55
CA LEU B 320 -15.87 -0.70 -6.25
C LEU B 320 -17.33 -0.26 -6.36
N ARG B 321 -17.65 0.56 -7.34
CA ARG B 321 -19.04 0.98 -7.55
C ARG B 321 -19.94 -0.22 -7.83
N ILE B 322 -19.46 -1.17 -8.65
CA ILE B 322 -20.23 -2.36 -8.91
C ILE B 322 -20.50 -3.12 -7.62
N LYS B 323 -19.45 -3.28 -6.80
CA LYS B 323 -19.61 -3.99 -5.53
C LYS B 323 -20.65 -3.30 -4.65
N LYS B 324 -20.54 -1.98 -4.51
CA LYS B 324 -21.50 -1.23 -3.69
C LYS B 324 -22.91 -1.43 -4.22
N THR B 325 -23.08 -1.33 -5.54
CA THR B 325 -24.40 -1.50 -6.14
C THR B 325 -24.96 -2.89 -5.88
N LEU B 326 -24.13 -3.91 -6.02
CA LEU B 326 -24.61 -5.27 -5.77
C LEU B 326 -24.94 -5.47 -4.30
N THR B 327 -24.20 -4.82 -3.40
CA THR B 327 -24.49 -4.93 -1.98
C THR B 327 -25.87 -4.37 -1.65
N LYS B 328 -26.45 -3.57 -2.54
CA LYS B 328 -27.74 -2.94 -2.33
C LYS B 328 -28.87 -3.54 -3.16
N ILE B 329 -28.57 -4.51 -4.03
CA ILE B 329 -29.58 -5.23 -4.81
C ILE B 329 -30.16 -6.32 -3.92
C1 GOL C . 34.06 0.71 22.97
O1 GOL C . 33.85 -0.67 23.21
C2 GOL C . 35.53 1.04 22.79
O2 GOL C . 35.80 1.35 21.44
C3 GOL C . 35.90 2.30 23.57
O3 GOL C . 35.40 3.37 22.77
H11 GOL C . 33.73 1.25 23.72
H12 GOL C . 33.59 1.01 22.18
HO1 GOL C . 33.39 -0.99 22.57
H2 GOL C . 35.99 0.25 23.11
HO2 GOL C . 35.30 2.00 21.23
H31 GOL C . 35.50 2.28 24.44
H32 GOL C . 36.86 2.35 23.68
HO3 GOL C . 34.55 3.40 22.86
C1 GOL D . 33.83 -9.10 18.41
O1 GOL D . 34.31 -7.80 18.09
C2 GOL D . 32.85 -9.04 19.56
O2 GOL D . 31.54 -9.35 19.14
C3 GOL D . 33.22 -10.00 20.68
O3 GOL D . 32.13 -10.10 21.58
H11 GOL D . 33.38 -9.50 17.65
H12 GOL D . 34.57 -9.69 18.66
HO1 GOL D . 33.64 -7.28 17.94
H2 GOL D . 32.92 -8.12 19.87
HO2 GOL D . 31.02 -9.31 19.83
H31 GOL D . 33.45 -10.87 20.28
H32 GOL D . 34.02 -9.68 21.12
HO3 GOL D . 32.33 -10.65 22.19
C02 A1A29 E . 10.33 -1.41 15.66
C04 A1A29 E . 9.18 -3.59 16.13
C05 A1A29 E . 7.73 -3.12 16.14
C06 A1A29 E . 7.22 -2.90 14.71
C08 A1A29 E . 4.86 -2.78 14.75
C09 A1A29 E . 6.13 -1.18 13.53
C10 A1A29 E . 11.23 -0.33 16.21
C11 A1A29 E . 11.41 -0.27 17.59
C12 A1A29 E . 12.22 0.70 18.15
C13 A1A29 E . 12.86 1.62 17.26
C14 A1A29 E . 12.67 1.56 15.94
C16 A1A29 E . 13.44 2.80 13.92
C17 A1A29 E . 12.03 3.03 13.35
C18 A1A29 E . 12.52 2.35 12.06
C19 A1A29 E . 13.68 1.76 12.82
C20 A1A29 E . 13.97 3.22 16.36
C21 A1A29 E . 14.93 4.35 16.20
C22 A1A29 E . 16.13 4.31 16.89
C23 A1A29 E . 17.06 5.33 16.72
C25 A1A29 E . 18.51 4.37 18.32
C26 A1A29 E . 16.78 6.34 15.83
C28 A1A29 E . 17.84 8.31 16.64
C29 A1A29 E . 15.62 6.36 15.11
C31 A1A29 E . 14.19 7.49 13.58
C32 A1A29 E . 14.68 5.37 15.29
C34 A1A29 E . 11.84 0.57 15.35
N03 A1A29 E . 10.04 -2.50 16.56
N07 A1A29 E . 6.09 -2.00 14.73
N15 A1A29 E . 13.35 2.58 15.36
N33 A1A29 E . 13.68 2.65 17.54
O01 A1A29 E . 9.90 -1.37 14.56
O24 A1A29 E . 18.27 5.38 17.38
O27 A1A29 E . 17.73 7.34 15.64
O30 A1A29 E . 15.42 7.43 14.24
H041 A1A29 E . 9.42 -3.87 15.23
H042 A1A29 E . 9.28 -4.34 16.73
H051 A1A29 E . 7.67 -2.28 16.63
H052 A1A29 E . 7.18 -3.79 16.58
H061 A1A29 E . 6.95 -3.76 14.34
H062 A1A29 E . 7.93 -2.52 14.17
H083 A1A29 E . 4.74 -3.21 13.89
H082 A1A29 E . 4.93 -3.47 15.43
H081 A1A29 E . 4.11 -2.20 14.95
H092 A1A29 E . 5.24 -0.83 13.35
H093 A1A29 E . 6.43 -1.71 12.78
H091 A1A29 E . 6.74 -0.44 13.67
H111 A1A29 E . 10.98 -0.89 18.13
H121 A1A29 E . 12.35 0.74 19.07
H161 A1A29 E . 13.65 3.73 13.73
H172 A1A29 E . 11.82 3.97 13.23
H171 A1A29 E . 11.35 2.53 13.81
H181 A1A29 E . 12.80 2.99 11.38
H182 A1A29 E . 11.90 1.67 11.73
H192 A1A29 E . 14.53 1.88 12.37
H191 A1A29 E . 13.53 0.86 13.11
H221 A1A29 E . 16.31 3.61 17.47
H253 A1A29 E . 17.85 4.42 19.03
H251 A1A29 E . 18.46 3.51 17.88
H252 A1A29 E . 19.40 4.49 18.69
H282 A1A29 E . 17.00 8.39 17.11
H281 A1A29 E . 18.08 9.16 16.23
H283 A1A29 E . 18.54 8.06 17.26
H311 A1A29 E . 13.48 7.53 14.24
H313 A1A29 E . 14.16 8.27 13.01
H312 A1A29 E . 14.08 6.69 13.04
H321 A1A29 E . 13.90 5.38 14.80
H341 A1A29 E . 11.71 0.54 14.42
H031 A1A29 E . 10.37 -2.51 17.35
P PO4 F . 7.62 3.16 25.91
O1 PO4 F . 7.70 3.11 24.38
O2 PO4 F . 8.09 4.58 26.43
O3 PO4 F . 6.13 2.91 26.39
O4 PO4 F . 8.50 2.02 26.53
P PO4 G . 9.13 9.19 3.50
O1 PO4 G . 10.09 8.11 2.90
O2 PO4 G . 9.01 10.42 2.53
O3 PO4 G . 7.69 8.55 3.64
O4 PO4 G . 9.68 9.57 4.91
P PO4 H . 11.91 8.82 25.69
O1 PO4 H . 12.56 8.18 24.41
O2 PO4 H . 10.72 7.95 26.21
O3 PO4 H . 11.29 10.22 25.30
O4 PO4 H . 13.05 9.02 26.71
P PO4 I . 9.34 24.34 26.50
O1 PO4 I . 8.78 24.08 25.06
O2 PO4 I . 8.16 24.62 27.48
O3 PO4 I . 10.19 23.15 27.03
O4 PO4 I . 10.34 25.55 26.44
P PO4 J . 9.79 8.76 -0.65
O1 PO4 J . 9.98 7.60 0.39
O2 PO4 J . 9.31 10.10 -0.02
O3 PO4 J . 11.21 8.96 -1.30
O4 PO4 J . 8.70 8.43 -1.75
C02 A1A29 K . -12.79 -29.54 -10.87
C04 A1A29 K . -14.06 -31.65 -10.43
C05 A1A29 K . -15.41 -31.48 -9.75
C06 A1A29 K . -16.10 -30.19 -10.18
C08 A1A29 K . -16.85 -28.87 -11.99
C09 A1A29 K . -17.38 -31.18 -11.94
C10 A1A29 K . -11.77 -28.51 -10.40
C11 A1A29 K . -11.52 -28.37 -9.04
C12 A1A29 K . -10.59 -27.44 -8.59
C13 A1A29 K . -9.89 -26.66 -9.56
C14 A1A29 K . -10.13 -26.82 -10.89
C16 A1A29 K . -9.30 -25.78 -13.02
C17 A1A29 K . -10.70 -25.35 -13.47
C18 A1A29 K . -10.42 -26.05 -14.82
C19 A1A29 K . -9.29 -26.81 -14.14
C20 A1A29 K . -8.65 -25.27 -10.63
C21 A1A29 K . -7.61 -24.23 -10.93
C22 A1A29 K . -7.86 -23.20 -11.82
C23 A1A29 K . -6.86 -22.26 -12.11
C25 A1A29 K . -8.40 -21.01 -13.42
C26 A1A29 K . -5.64 -22.39 -11.49
C28 A1A29 K . -4.47 -20.47 -10.80
C29 A1A29 K . -5.37 -23.41 -10.61
C31 A1A29 K . -3.85 -24.47 -9.12
C32 A1A29 K . -6.37 -24.35 -10.32
C34 A1A29 K . -11.08 -27.77 -11.34
N03 A1A29 K . -13.09 -30.66 -9.99
N07 A1A29 K . -16.36 -30.19 -11.61
N15 A1A29 K . -9.36 -25.93 -11.57
N33 A1A29 K . -8.96 -25.70 -9.41
O01 A1A29 K . -13.34 -29.41 -11.91
O24 A1A29 K . -7.07 -21.21 -13.00
O27 A1A29 K . -4.61 -21.48 -11.76
O30 A1A29 K . -4.11 -23.44 -10.04
H041 A1A29 K . -13.71 -32.53 -10.21
H042 A1A29 K . -14.18 -31.58 -11.38
H051 A1A29 K . -15.28 -31.46 -8.79
H052 A1A29 K . -15.97 -32.23 -9.97
H061 A1A29 K . -15.53 -29.44 -9.97
H062 A1A29 K . -16.94 -30.10 -9.71
H083 A1A29 K . -16.20 -28.21 -11.70
H082 A1A29 K . -17.70 -28.71 -11.55
H081 A1A29 K . -16.95 -28.83 -12.95
H092 A1A29 K . -16.96 -32.05 -12.04
H093 A1A29 K . -17.82 -30.94 -12.77
H091 A1A29 K . -18.04 -31.22 -11.23
H111 A1A29 K . -11.98 -28.90 -8.42
H121 A1A29 K . -10.43 -27.32 -7.68
H161 A1A29 K . -8.90 -24.92 -13.24
H172 A1A29 K . -10.80 -24.39 -13.56
H171 A1A29 K . -11.41 -25.78 -12.97
H181 A1A29 K . -11.15 -26.62 -15.11
H182 A1A29 K . -10.10 -25.44 -15.50
H192 A1A29 K . -9.56 -27.70 -13.84
H191 A1A29 K . -8.47 -26.81 -14.66
H221 A1A29 K . -8.69 -23.13 -12.22
H253 A1A29 K . -8.44 -20.23 -13.99
H251 A1A29 K . -8.97 -20.89 -12.64
H252 A1A29 K . -8.70 -21.79 -13.91
H282 A1A29 K . -4.47 -19.60 -11.23
H281 A1A29 K . -3.63 -20.59 -10.32
H283 A1A29 K . -5.21 -20.52 -10.16
H311 A1A29 K . -2.93 -24.41 -8.82
H313 A1A29 K . -4.01 -25.32 -9.54
H312 A1A29 K . -4.44 -24.36 -8.36
H321 A1A29 K . -6.21 -25.04 -9.73
H341 A1A29 K . -11.24 -27.88 -12.25
H031 A1A29 K . -12.71 -30.71 -9.22
C1 GOL L . -11.67 0.38 -10.45
O1 GOL L . -12.21 -0.82 -10.89
C2 GOL L . -11.23 0.18 -9.01
O2 GOL L . -10.13 1.03 -8.80
C3 GOL L . -12.47 0.36 -8.15
O3 GOL L . -12.40 1.60 -7.52
H11 GOL L . -10.90 0.66 -10.98
H12 GOL L . -12.32 1.11 -10.49
HO1 GOL L . -12.39 -0.73 -11.71
H2 GOL L . -10.91 -0.71 -8.79
HO2 GOL L . -10.37 1.80 -9.06
H31 GOL L . -13.26 0.30 -8.71
H32 GOL L . -12.52 -0.36 -7.50
HO3 GOL L . -11.61 1.69 -7.21
P PO4 M . -14.33 -24.47 -0.64
O1 PO4 M . -13.59 -23.19 -0.12
O2 PO4 M . -15.77 -24.44 -0.03
O3 PO4 M . -14.39 -24.50 -2.21
O4 PO4 M . -13.57 -25.77 -0.22
P PO4 N . -14.10 -19.44 -23.18
O1 PO4 N . -15.58 -19.91 -22.94
O2 PO4 N . -14.15 -18.23 -24.18
O3 PO4 N . -13.48 -18.94 -21.84
O4 PO4 N . -13.23 -20.58 -23.80
P PO4 O . -9.50 -19.29 -1.26
O1 PO4 O . -8.36 -19.16 -0.22
O2 PO4 O . -9.02 -20.08 -2.52
O3 PO4 O . -10.72 -20.05 -0.58
O4 PO4 O . -10.04 -17.88 -1.67
P PO4 P . -13.77 -19.99 -27.32
O1 PO4 P . -15.01 -20.24 -28.25
O2 PO4 P . -12.44 -19.96 -28.12
O3 PO4 P . -13.94 -18.60 -26.62
O4 PO4 P . -13.71 -21.13 -26.24
#